data_6KLF
#
_entry.id   6KLF
#
_cell.length_a   133.745
_cell.length_b   133.745
_cell.length_c   184.710
_cell.angle_alpha   90.00
_cell.angle_beta   90.00
_cell.angle_gamma   90.00
#
_symmetry.space_group_name_H-M   'P 41 21 2'
#
loop_
_entity.id
_entity.type
_entity.pdbx_description
1 polymer '1,4-alpha-glucan branching enzyme GlgB'
2 non-polymer 'MAGNESIUM ION'
3 non-polymer GLYCEROL
4 water water
#
_entity_poly.entity_id   1
_entity_poly.type   'polypeptide(L)'
_entity_poly.pdbx_seq_one_letter_code
;ISADQVNQIIYNLHHDPFEILGCHLLEEGKNTKKWVVRAYLPKAEAAWVIRPTERKEDPMNSVHHPNFFECIIETPELNH
YQLKVKEGEHEKVIYDPYAFSSPYLTDEDIYLFSEGNHHRIYEKLGAHVGEINGVKGVYFAVWAPNARNVSVIGDFNNWD
GREHQMRKRNYTIWELFVPEIGSGTVYKYEIKNSEGHIYEKSDPYGFYREVRPNTASIVVDIDNIYQWHDEEWLEKRRNS
DPLKQPVSVYEVHLGSWLHGSSAEKMPLLNGEADPVIVSEWNPGARFLSYYELAEKLIPYVKDMGYTHIELLPIAEHPFD
GSWGYQVTGFYSPTSRFGRPEDFMYFVDKCHENGIGVILDWVPGHFPKDSHGLAYFDGTHLYEHADPRIGEHKEWGTLVF
NYGRHEVRNFLVANVLFWFDKYHVDGIRVAAVASMLYRNYLRKEGEWIANEYGGDEHIEAVSFIREVNTLLFEYFPGILS
IAEESTEWEKVSRPVYDGGLGFNLKWDMGWMHDMLDYFNIDPYFRQYHQNNVTFSMLYYYNENFMLALSHDEIVHGKSNM
LGKMPGDEWQKYANVRALFTYMYTHPGKKTMFMSMEFGQWSEWNVWGDLEWHLLQYEPHQQLKQFFTDLNALYQQEPALY
THDFEYHGFEWIDCNDNTHSVVSFLRRSDDPNDSLVVVCNFTPQPHSHYRIGVPEAGYYVELFNSDAKQYGGSNMGNLGG
KWADEWSFHNKPYSLDLCLPPLAVLILKLDPTKVP
;
_entity_poly.pdbx_strand_id   A
#
loop_
_chem_comp.id
_chem_comp.type
_chem_comp.name
_chem_comp.formula
GOL non-polymer GLYCEROL 'C3 H8 O3'
MG non-polymer 'MAGNESIUM ION' 'Mg 2'
#
# COMPACT_ATOMS: atom_id res chain seq x y z
N ILE A 1 -6.07 19.18 37.88
CA ILE A 1 -4.71 19.88 37.99
C ILE A 1 -4.78 21.39 38.37
N SER A 2 -3.77 21.89 39.11
CA SER A 2 -3.62 23.32 39.58
C SER A 2 -2.98 24.24 38.53
N ALA A 3 -3.24 25.54 38.66
CA ALA A 3 -2.74 26.58 37.73
C ALA A 3 -1.21 26.64 37.81
N ASP A 4 -0.65 26.37 38.99
CA ASP A 4 0.80 26.50 39.26
C ASP A 4 1.52 25.37 38.52
N GLN A 5 0.97 24.15 38.60
CA GLN A 5 1.41 22.95 37.81
C GLN A 5 1.33 23.29 36.30
N VAL A 6 0.22 23.84 35.82
CA VAL A 6 0.07 24.24 34.39
C VAL A 6 1.13 25.27 34.03
N ASN A 7 1.31 26.28 34.89
CA ASN A 7 2.23 27.40 34.55
C ASN A 7 3.64 26.85 34.54
N GLN A 8 3.93 25.83 35.36
CA GLN A 8 5.28 25.23 35.42
C GLN A 8 5.56 24.59 34.04
N ILE A 9 4.53 24.02 33.38
CA ILE A 9 4.66 23.38 32.04
C ILE A 9 4.84 24.48 30.99
N ILE A 10 3.95 25.47 30.99
CA ILE A 10 3.89 26.54 29.95
C ILE A 10 5.24 27.22 29.87
N TYR A 11 5.91 27.45 31.01
CA TYR A 11 7.12 28.33 31.09
C TYR A 11 8.38 27.47 31.29
N ASN A 12 8.24 26.16 31.10
CA ASN A 12 9.39 25.22 31.04
C ASN A 12 10.15 25.22 32.39
N LEU A 13 9.42 25.31 33.50
CA LEU A 13 9.97 25.24 34.88
C LEU A 13 9.73 23.87 35.48
N HIS A 14 8.96 22.97 34.87
CA HIS A 14 8.59 21.68 35.51
C HIS A 14 9.77 20.70 35.39
N HIS A 15 10.02 19.91 36.44
CA HIS A 15 11.19 19.01 36.57
C HIS A 15 11.01 17.79 35.67
N ASP A 16 9.76 17.38 35.41
CA ASP A 16 9.46 16.18 34.58
C ASP A 16 8.03 16.20 34.08
N PRO A 17 7.77 16.75 32.88
CA PRO A 17 6.42 16.84 32.34
C PRO A 17 5.64 15.52 32.29
N PHE A 18 6.30 14.36 32.32
CA PHE A 18 5.66 13.02 32.21
C PHE A 18 4.83 12.74 33.46
N GLU A 19 5.08 13.49 34.53
CA GLU A 19 4.31 13.40 35.81
C GLU A 19 2.87 13.87 35.55
N ILE A 20 2.70 14.79 34.60
CA ILE A 20 1.51 15.67 34.43
C ILE A 20 0.89 15.32 33.06
N LEU A 21 1.72 15.25 32.02
CA LEU A 21 1.29 15.04 30.63
C LEU A 21 1.18 13.54 30.34
N GLY A 22 0.42 13.20 29.31
CA GLY A 22 0.11 11.82 28.93
C GLY A 22 -1.08 11.31 29.71
N CYS A 23 -1.13 10.01 29.97
CA CYS A 23 -2.32 9.30 30.48
C CYS A 23 -2.05 8.93 31.92
N HIS A 24 -2.87 9.40 32.85
CA HIS A 24 -2.68 9.14 34.30
C HIS A 24 -3.97 8.60 34.89
N LEU A 25 -3.82 7.56 35.69
CA LEU A 25 -4.93 6.91 36.42
C LEU A 25 -5.43 7.85 37.52
N LEU A 26 -6.72 8.12 37.62
CA LEU A 26 -7.25 8.94 38.74
C LEU A 26 -7.78 8.02 39.86
N GLU A 27 -8.69 7.08 39.54
CA GLU A 27 -9.30 6.16 40.53
C GLU A 27 -9.83 4.88 39.84
N GLU A 28 -10.03 3.80 40.61
CA GLU A 28 -10.59 2.51 40.15
C GLU A 28 -12.02 2.39 40.70
N GLY A 29 -13.02 2.13 39.85
CA GLY A 29 -14.38 1.72 40.22
C GLY A 29 -14.45 0.21 40.36
N LYS A 30 -15.65 -0.38 40.43
CA LYS A 30 -15.81 -1.86 40.44
C LYS A 30 -15.34 -2.37 39.07
N ASN A 31 -15.99 -1.92 38.00
CA ASN A 31 -15.86 -2.52 36.65
C ASN A 31 -14.91 -1.70 35.76
N THR A 32 -14.54 -0.48 36.19
CA THR A 32 -13.96 0.55 35.29
C THR A 32 -12.96 1.41 36.06
N LYS A 33 -12.34 2.37 35.36
CA LYS A 33 -11.26 3.22 35.89
C LYS A 33 -11.43 4.62 35.33
N LYS A 34 -11.09 5.62 36.13
CA LYS A 34 -11.17 7.04 35.71
C LYS A 34 -9.75 7.43 35.35
N TRP A 35 -9.56 7.89 34.12
CA TRP A 35 -8.24 8.31 33.58
C TRP A 35 -8.32 9.78 33.24
N VAL A 36 -7.20 10.45 33.27
CA VAL A 36 -7.06 11.78 32.63
C VAL A 36 -5.89 11.72 31.64
N VAL A 37 -6.14 12.25 30.44
CA VAL A 37 -5.09 12.53 29.43
C VAL A 37 -4.88 14.05 29.46
N ARG A 38 -3.64 14.47 29.58
CA ARG A 38 -3.27 15.90 29.54
C ARG A 38 -2.28 16.10 28.41
N ALA A 39 -2.38 17.24 27.72
CA ALA A 39 -1.52 17.61 26.59
C ALA A 39 -1.21 19.10 26.66
N TYR A 40 0.03 19.46 26.42
CA TYR A 40 0.42 20.85 26.13
C TYR A 40 0.59 20.97 24.62
N LEU A 41 -0.25 21.76 23.98
CA LEU A 41 -0.37 21.87 22.51
C LEU A 41 -0.33 23.35 22.16
N PRO A 42 0.89 23.93 22.11
CA PRO A 42 1.01 25.36 21.83
C PRO A 42 0.47 25.65 20.42
N LYS A 43 -0.16 26.79 20.22
CA LYS A 43 -0.86 27.18 18.95
C LYS A 43 -2.17 26.40 18.71
N ALA A 44 -2.56 25.39 19.52
CA ALA A 44 -3.84 24.68 19.31
C ALA A 44 -4.99 25.41 20.03
N GLU A 45 -6.14 25.54 19.37
CA GLU A 45 -7.39 26.10 19.93
C GLU A 45 -8.23 25.00 20.58
N ALA A 46 -8.16 23.79 20.04
CA ALA A 46 -8.99 22.64 20.48
C ALA A 46 -8.25 21.31 20.25
N ALA A 47 -8.75 20.28 20.90
CA ALA A 47 -8.13 18.93 20.88
C ALA A 47 -9.16 17.90 21.33
N TRP A 48 -8.98 16.68 20.85
CA TRP A 48 -9.80 15.51 21.21
C TRP A 48 -8.88 14.35 21.52
N VAL A 49 -9.36 13.47 22.38
CA VAL A 49 -8.80 12.12 22.54
C VAL A 49 -9.68 11.16 21.73
N ILE A 50 -9.09 10.51 20.72
CA ILE A 50 -9.71 9.42 19.91
C ILE A 50 -9.34 8.08 20.55
N ARG A 51 -10.35 7.28 20.83
CA ARG A 51 -10.19 5.84 21.16
C ARG A 51 -10.64 5.08 19.93
N PRO A 52 -9.78 4.95 18.90
CA PRO A 52 -10.21 4.45 17.59
C PRO A 52 -10.65 2.97 17.68
N THR A 53 -10.11 2.17 18.60
CA THR A 53 -10.48 0.73 18.66
C THR A 53 -11.87 0.51 19.29
N GLU A 54 -12.38 1.54 19.98
CA GLU A 54 -13.66 1.59 20.72
C GLU A 54 -14.64 2.46 19.94
N ARG A 55 -14.25 3.03 18.81
CA ARG A 55 -15.10 3.94 17.97
C ARG A 55 -15.51 5.18 18.81
N LYS A 56 -14.61 5.79 19.56
CA LYS A 56 -15.03 6.86 20.49
C LYS A 56 -14.12 8.08 20.34
N GLU A 57 -14.70 9.24 20.59
CA GLU A 57 -13.96 10.53 20.55
C GLU A 57 -14.48 11.41 21.67
N ASP A 58 -13.58 11.89 22.50
CA ASP A 58 -13.90 12.76 23.65
C ASP A 58 -13.19 14.07 23.43
N PRO A 59 -13.86 15.23 23.57
CA PRO A 59 -13.16 16.52 23.50
C PRO A 59 -12.29 16.74 24.74
N MET A 60 -11.18 17.44 24.50
CA MET A 60 -10.31 17.97 25.57
C MET A 60 -10.81 19.38 25.94
N ASN A 61 -10.68 19.76 27.21
CA ASN A 61 -10.99 21.13 27.71
C ASN A 61 -9.71 21.87 28.05
N SER A 62 -9.54 23.09 27.55
CA SER A 62 -8.48 24.01 28.03
C SER A 62 -8.61 24.10 29.55
N VAL A 63 -7.51 24.07 30.30
CA VAL A 63 -7.54 24.14 31.79
C VAL A 63 -6.38 25.06 32.25
N HIS A 64 -6.73 26.25 32.78
CA HIS A 64 -5.85 27.33 33.35
C HIS A 64 -5.08 28.12 32.27
N HIS A 65 -4.88 27.53 31.10
CA HIS A 65 -4.21 28.17 29.95
C HIS A 65 -4.85 27.62 28.69
N PRO A 66 -5.08 28.46 27.66
CA PRO A 66 -5.77 28.04 26.44
C PRO A 66 -5.16 26.87 25.64
N ASN A 67 -3.88 26.60 25.87
CA ASN A 67 -3.09 25.57 25.15
C ASN A 67 -2.76 24.41 26.07
N PHE A 68 -3.33 24.38 27.27
CA PHE A 68 -3.17 23.22 28.18
C PHE A 68 -4.53 22.53 28.26
N PHE A 69 -4.57 21.24 27.92
CA PHE A 69 -5.80 20.44 27.71
C PHE A 69 -5.84 19.24 28.66
N GLU A 70 -7.02 18.98 29.20
CA GLU A 70 -7.37 17.82 30.05
C GLU A 70 -8.58 17.12 29.44
N CYS A 71 -8.64 15.80 29.60
CA CYS A 71 -9.75 14.95 29.15
C CYS A 71 -9.88 13.78 30.11
N ILE A 72 -11.03 13.68 30.76
CA ILE A 72 -11.28 12.61 31.76
C ILE A 72 -12.10 11.56 31.05
N ILE A 73 -11.65 10.30 31.13
CA ILE A 73 -12.31 9.18 30.41
C ILE A 73 -12.46 8.03 31.39
N GLU A 74 -13.67 7.48 31.47
CA GLU A 74 -14.00 6.24 32.21
C GLU A 74 -14.01 5.05 31.25
N THR A 75 -13.12 4.09 31.49
CA THR A 75 -12.86 2.90 30.66
C THR A 75 -11.95 1.97 31.46
N PRO A 76 -12.13 0.62 31.40
CA PRO A 76 -11.23 -0.29 32.12
C PRO A 76 -9.72 -0.08 31.83
N GLU A 77 -9.37 -0.01 30.54
CA GLU A 77 -7.97 0.15 30.08
C GLU A 77 -7.97 1.28 29.07
N LEU A 78 -6.94 2.12 29.10
CA LEU A 78 -6.74 3.17 28.10
C LEU A 78 -5.33 3.01 27.51
N ASN A 79 -5.18 1.98 26.69
CA ASN A 79 -3.88 1.63 26.04
C ASN A 79 -3.81 2.26 24.66
N HIS A 80 -4.94 2.37 23.97
CA HIS A 80 -5.00 2.69 22.52
C HIS A 80 -5.72 4.01 22.35
N TYR A 81 -4.96 5.09 22.19
CA TYR A 81 -5.56 6.39 21.84
C TYR A 81 -4.63 7.28 20.99
N GLN A 82 -5.28 8.26 20.37
CA GLN A 82 -4.66 9.31 19.55
C GLN A 82 -5.19 10.67 20.03
N LEU A 83 -4.38 11.71 19.85
CA LEU A 83 -4.77 13.13 20.02
C LEU A 83 -5.08 13.72 18.64
N LYS A 84 -6.25 14.32 18.54
CA LYS A 84 -6.61 15.22 17.44
C LYS A 84 -6.36 16.65 17.92
N VAL A 85 -5.59 17.42 17.15
CA VAL A 85 -5.20 18.81 17.48
C VAL A 85 -5.65 19.76 16.38
N LYS A 86 -6.40 20.82 16.71
CA LYS A 86 -6.81 21.87 15.76
C LYS A 86 -5.97 23.12 16.01
N GLU A 87 -5.19 23.57 15.01
CA GLU A 87 -4.39 24.83 14.95
C GLU A 87 -5.00 25.62 13.78
N GLY A 88 -5.83 26.61 14.10
CA GLY A 88 -6.59 27.40 13.12
C GLY A 88 -7.58 26.52 12.38
N GLU A 89 -7.48 26.48 11.05
CA GLU A 89 -8.40 25.72 10.17
C GLU A 89 -7.94 24.24 10.04
N HIS A 90 -6.79 23.85 10.60
CA HIS A 90 -6.07 22.58 10.29
C HIS A 90 -6.14 21.59 11.48
N GLU A 91 -6.39 20.32 11.20
CA GLU A 91 -6.46 19.23 12.20
C GLU A 91 -5.34 18.23 11.86
N LYS A 92 -4.58 17.78 12.87
CA LYS A 92 -3.64 16.65 12.76
C LYS A 92 -4.03 15.61 13.81
N VAL A 93 -3.81 14.34 13.50
CA VAL A 93 -3.97 13.21 14.45
C VAL A 93 -2.60 12.56 14.69
N ILE A 94 -2.26 12.39 15.98
CA ILE A 94 -0.91 11.95 16.42
C ILE A 94 -1.08 11.01 17.61
N TYR A 95 -0.03 10.25 17.84
CA TYR A 95 0.13 9.49 19.10
C TYR A 95 0.52 10.55 20.15
N ASP A 96 0.16 10.29 21.40
CA ASP A 96 0.46 11.21 22.53
C ASP A 96 1.97 11.21 22.66
N PRO A 97 2.63 12.37 22.53
CA PRO A 97 4.09 12.41 22.65
C PRO A 97 4.56 12.07 24.06
N TYR A 98 3.66 11.98 25.04
CA TYR A 98 3.99 11.69 26.45
C TYR A 98 3.45 10.30 26.86
N ALA A 99 3.24 9.40 25.90
CA ALA A 99 2.76 8.01 26.15
C ALA A 99 3.77 7.19 26.96
N PHE A 100 5.09 7.31 26.75
CA PHE A 100 6.10 6.38 27.34
C PHE A 100 7.10 7.18 28.17
N SER A 101 7.06 7.07 29.50
CA SER A 101 8.04 7.70 30.46
C SER A 101 9.46 7.19 30.19
N SER A 102 9.56 5.88 29.93
CA SER A 102 10.78 5.04 30.06
C SER A 102 10.94 4.22 28.78
N PRO A 103 12.19 3.99 28.36
CA PRO A 103 12.48 3.15 27.19
C PRO A 103 12.29 1.65 27.37
N TYR A 104 12.31 1.15 28.60
CA TYR A 104 12.22 -0.28 28.96
C TYR A 104 10.77 -0.74 28.92
N LEU A 105 10.61 -2.07 28.82
CA LEU A 105 9.29 -2.72 28.88
C LEU A 105 8.74 -2.58 30.29
N THR A 106 7.48 -2.18 30.38
CA THR A 106 6.68 -2.19 31.62
C THR A 106 5.99 -3.55 31.77
N ASP A 107 5.41 -3.81 32.93
CA ASP A 107 4.51 -4.96 33.17
C ASP A 107 3.40 -4.89 32.12
N GLU A 108 2.90 -3.68 31.87
CA GLU A 108 1.75 -3.44 30.98
C GLU A 108 2.13 -3.83 29.53
N ASP A 109 3.30 -3.43 29.04
CA ASP A 109 3.79 -3.77 27.69
C ASP A 109 3.80 -5.29 27.54
N ILE A 110 4.43 -5.95 28.49
CA ILE A 110 4.65 -7.42 28.45
C ILE A 110 3.28 -8.14 28.49
N TYR A 111 2.33 -7.65 29.30
CA TYR A 111 0.97 -8.22 29.41
C TYR A 111 0.28 -8.12 28.04
N LEU A 112 0.28 -6.93 27.44
CA LEU A 112 -0.42 -6.66 26.15
C LEU A 112 0.18 -7.51 25.04
N PHE A 113 1.51 -7.53 24.95
CA PHE A 113 2.24 -8.37 23.98
C PHE A 113 1.81 -9.84 24.13
N SER A 114 1.67 -10.33 25.36
CA SER A 114 1.27 -11.74 25.64
C SER A 114 -0.15 -12.02 25.15
N GLU A 115 -1.00 -11.00 25.12
CA GLU A 115 -2.39 -11.12 24.66
C GLU A 115 -2.42 -10.85 23.14
N GLY A 116 -1.29 -10.45 22.56
CA GLY A 116 -1.22 -10.05 21.14
C GLY A 116 -1.88 -8.72 20.83
N ASN A 117 -2.02 -7.82 21.80
CA ASN A 117 -2.76 -6.54 21.59
C ASN A 117 -1.88 -5.30 21.76
N HIS A 118 -0.55 -5.41 21.68
CA HIS A 118 0.33 -4.21 21.80
C HIS A 118 0.53 -3.59 20.41
N HIS A 119 -0.35 -2.67 20.04
CA HIS A 119 -0.40 -2.00 18.70
C HIS A 119 0.85 -1.16 18.47
N ARG A 120 1.66 -0.96 19.51
CA ARG A 120 2.88 -0.13 19.41
C ARG A 120 4.07 -0.86 20.03
N ILE A 121 4.07 -2.20 20.04
CA ILE A 121 5.18 -3.03 20.63
C ILE A 121 6.55 -2.60 20.06
N TYR A 122 6.60 -2.07 18.84
CA TYR A 122 7.83 -1.61 18.13
C TYR A 122 8.42 -0.36 18.78
N GLU A 123 7.74 0.22 19.75
CA GLU A 123 8.35 1.27 20.59
C GLU A 123 9.30 0.66 21.62
N LYS A 124 9.13 -0.61 21.95
CA LYS A 124 9.83 -1.23 23.10
C LYS A 124 10.69 -2.41 22.64
N LEU A 125 10.17 -3.30 21.79
CA LEU A 125 10.97 -4.36 21.13
C LEU A 125 11.82 -3.75 20.01
N GLY A 126 13.01 -4.31 19.77
CA GLY A 126 13.98 -3.77 18.80
C GLY A 126 15.12 -3.08 19.51
N ALA A 127 15.63 -2.00 18.94
CA ALA A 127 16.68 -1.15 19.53
C ALA A 127 16.15 0.29 19.53
N HIS A 128 16.22 0.96 20.67
CA HIS A 128 15.76 2.35 20.88
C HIS A 128 16.83 3.14 21.61
N VAL A 129 17.17 4.31 21.11
CA VAL A 129 18.04 5.29 21.80
C VAL A 129 17.26 5.77 23.02
N GLY A 130 17.80 5.71 24.23
CA GLY A 130 17.10 6.22 25.44
C GLY A 130 18.01 6.49 26.63
N GLU A 131 17.45 6.80 27.78
CA GLU A 131 18.22 7.10 29.01
C GLU A 131 17.73 6.12 30.09
N ILE A 132 18.65 5.39 30.72
CA ILE A 132 18.39 4.52 31.90
C ILE A 132 19.50 4.77 32.93
N ASN A 133 19.12 4.88 34.21
CA ASN A 133 20.00 5.24 35.36
C ASN A 133 20.82 6.47 35.02
N GLY A 134 20.20 7.46 34.36
CA GLY A 134 20.83 8.76 34.10
C GLY A 134 21.89 8.72 32.99
N VAL A 135 21.98 7.66 32.18
CA VAL A 135 23.01 7.57 31.09
C VAL A 135 22.34 7.34 29.72
N LYS A 136 22.74 8.11 28.73
CA LYS A 136 22.30 7.97 27.31
C LYS A 136 22.89 6.65 26.79
N GLY A 137 22.09 5.86 26.07
CA GLY A 137 22.51 4.58 25.44
C GLY A 137 21.44 4.01 24.52
N VAL A 138 21.40 2.69 24.38
CA VAL A 138 20.41 1.95 23.55
C VAL A 138 19.82 0.81 24.38
N TYR A 139 18.49 0.72 24.41
CA TYR A 139 17.74 -0.42 24.97
C TYR A 139 17.51 -1.43 23.84
N PHE A 140 17.98 -2.66 24.05
CA PHE A 140 17.71 -3.81 23.17
C PHE A 140 16.70 -4.72 23.88
N ALA A 141 15.69 -5.19 23.17
CA ALA A 141 14.75 -6.22 23.65
C ALA A 141 14.29 -7.08 22.48
N VAL A 142 14.18 -8.37 22.74
CA VAL A 142 13.81 -9.37 21.70
C VAL A 142 13.03 -10.50 22.34
N TRP A 143 12.00 -10.96 21.64
CA TRP A 143 11.18 -12.10 22.05
C TRP A 143 11.88 -13.40 21.64
N ALA A 144 12.23 -14.26 22.60
CA ALA A 144 12.99 -15.54 22.44
C ALA A 144 12.78 -16.45 23.65
N PRO A 145 11.53 -16.87 23.92
CA PRO A 145 11.17 -17.43 25.21
C PRO A 145 11.95 -18.71 25.54
N ASN A 146 12.35 -19.48 24.52
CA ASN A 146 12.98 -20.82 24.69
C ASN A 146 14.48 -20.72 24.53
N ALA A 147 15.04 -19.53 24.35
CA ALA A 147 16.52 -19.34 24.29
C ALA A 147 17.09 -19.72 25.66
N ARG A 148 18.22 -20.41 25.67
CA ARG A 148 18.97 -20.68 26.92
C ARG A 148 19.65 -19.36 27.28
N ASN A 149 20.12 -18.63 26.27
CA ASN A 149 20.83 -17.34 26.50
C ASN A 149 20.77 -16.48 25.24
N VAL A 150 20.92 -15.15 25.38
CA VAL A 150 20.98 -14.17 24.25
C VAL A 150 21.95 -13.07 24.67
N SER A 151 22.77 -12.64 23.74
CA SER A 151 23.77 -11.55 23.92
C SER A 151 23.66 -10.59 22.73
N VAL A 152 23.96 -9.33 22.93
CA VAL A 152 24.08 -8.35 21.84
C VAL A 152 25.53 -8.40 21.42
N ILE A 153 25.78 -8.73 20.16
CA ILE A 153 27.10 -8.57 19.50
C ILE A 153 27.01 -7.46 18.47
N GLY A 154 28.09 -6.73 18.27
CA GLY A 154 28.10 -5.59 17.33
C GLY A 154 29.47 -4.96 17.23
N ASP A 155 29.54 -3.84 16.52
CA ASP A 155 30.77 -3.06 16.28
C ASP A 155 31.38 -2.77 17.66
N PHE A 156 30.55 -2.39 18.62
CA PHE A 156 30.96 -1.81 19.93
C PHE A 156 31.65 -2.86 20.83
N ASN A 157 31.51 -4.17 20.59
CA ASN A 157 32.20 -5.19 21.44
C ASN A 157 32.98 -6.21 20.58
N ASN A 158 33.40 -5.82 19.38
CA ASN A 158 34.09 -6.69 18.38
C ASN A 158 33.37 -8.04 18.29
N TRP A 159 32.05 -8.04 18.35
CA TRP A 159 31.21 -9.23 18.07
C TRP A 159 31.45 -10.31 19.12
N ASP A 160 31.87 -9.86 20.29
CA ASP A 160 32.07 -10.70 21.47
C ASP A 160 31.04 -10.24 22.51
N GLY A 161 30.02 -11.03 22.79
CA GLY A 161 28.95 -10.55 23.67
C GLY A 161 29.03 -11.12 25.07
N ARG A 162 30.22 -11.37 25.61
CA ARG A 162 30.33 -12.00 26.96
C ARG A 162 29.96 -10.97 28.05
N GLU A 163 30.25 -9.69 27.83
CA GLU A 163 29.88 -8.57 28.74
C GLU A 163 28.50 -7.96 28.40
N HIS A 164 27.81 -8.47 27.39
CA HIS A 164 26.50 -7.95 26.94
C HIS A 164 25.50 -9.09 26.89
N GLN A 165 25.51 -9.94 27.90
CA GLN A 165 24.47 -10.98 28.05
C GLN A 165 23.20 -10.28 28.54
N MET A 166 22.07 -10.65 27.95
CA MET A 166 20.75 -9.99 28.14
C MET A 166 20.04 -10.66 29.32
N ARG A 167 19.05 -9.96 29.87
CA ARG A 167 18.31 -10.35 31.07
C ARG A 167 16.95 -10.84 30.60
N LYS A 168 16.56 -12.05 30.94
CA LYS A 168 15.24 -12.57 30.52
C LYS A 168 14.17 -12.00 31.48
N ARG A 169 13.11 -11.37 30.95
CA ARG A 169 11.96 -10.89 31.74
C ARG A 169 10.77 -11.79 31.47
N ASN A 170 10.09 -12.25 32.52
CA ASN A 170 8.78 -12.95 32.45
C ASN A 170 8.87 -14.18 31.54
N TYR A 171 10.05 -14.83 31.51
CA TYR A 171 10.31 -16.10 30.78
C TYR A 171 10.02 -15.93 29.28
N THR A 172 10.16 -14.73 28.71
CA THR A 172 9.63 -14.49 27.35
C THR A 172 10.51 -13.50 26.59
N ILE A 173 10.97 -12.41 27.21
CA ILE A 173 11.70 -11.36 26.47
C ILE A 173 13.06 -11.09 27.12
N TRP A 174 14.06 -10.93 26.28
CA TRP A 174 15.46 -10.64 26.68
C TRP A 174 15.68 -9.17 26.51
N GLU A 175 16.33 -8.50 27.46
CA GLU A 175 16.60 -7.05 27.33
C GLU A 175 18.03 -6.74 27.76
N LEU A 176 18.51 -5.61 27.30
CA LEU A 176 19.78 -5.05 27.78
C LEU A 176 19.81 -3.59 27.38
N PHE A 177 20.26 -2.78 28.32
CA PHE A 177 20.66 -1.39 28.05
C PHE A 177 22.17 -1.38 27.86
N VAL A 178 22.63 -0.65 26.86
CA VAL A 178 24.08 -0.46 26.57
C VAL A 178 24.34 1.04 26.53
N PRO A 179 25.17 1.53 27.47
CA PRO A 179 25.45 2.96 27.59
C PRO A 179 26.38 3.43 26.48
N GLU A 180 26.22 4.68 26.08
CA GLU A 180 27.19 5.52 25.32
C GLU A 180 27.00 5.32 23.82
N ILE A 181 26.75 4.09 23.37
CA ILE A 181 26.38 3.80 21.95
C ILE A 181 25.04 4.47 21.59
N GLY A 182 24.87 4.86 20.32
CA GLY A 182 23.64 5.44 19.76
C GLY A 182 23.33 4.96 18.35
N SER A 183 22.64 5.80 17.59
CA SER A 183 22.26 5.50 16.18
C SER A 183 23.53 5.24 15.35
N GLY A 184 23.44 4.32 14.41
CA GLY A 184 24.59 3.89 13.58
C GLY A 184 25.20 2.59 14.06
N THR A 185 24.95 2.25 15.32
CA THR A 185 25.46 1.03 15.96
C THR A 185 25.00 -0.17 15.13
N VAL A 186 25.95 -0.99 14.69
CA VAL A 186 25.73 -2.24 13.91
C VAL A 186 25.69 -3.41 14.89
N TYR A 187 24.66 -4.27 14.83
CA TYR A 187 24.49 -5.29 15.89
C TYR A 187 23.74 -6.51 15.38
N LYS A 188 23.92 -7.64 16.07
CA LYS A 188 22.98 -8.78 15.96
C LYS A 188 22.74 -9.34 17.36
N TYR A 189 21.81 -10.29 17.45
CA TYR A 189 21.57 -11.11 18.65
C TYR A 189 22.36 -12.41 18.47
N GLU A 190 23.20 -12.79 19.45
CA GLU A 190 23.81 -14.15 19.54
C GLU A 190 22.95 -14.97 20.48
N ILE A 191 22.35 -16.05 19.98
CA ILE A 191 21.36 -16.88 20.72
C ILE A 191 21.97 -18.28 20.93
N LYS A 192 21.89 -18.79 22.16
CA LYS A 192 22.11 -20.20 22.47
C LYS A 192 20.72 -20.82 22.66
N ASN A 193 20.36 -21.86 21.91
CA ASN A 193 19.04 -22.56 22.01
C ASN A 193 19.11 -23.66 23.08
N SER A 194 18.04 -24.44 23.29
CA SER A 194 17.97 -25.40 24.43
C SER A 194 18.99 -26.54 24.24
N GLU A 195 19.47 -26.81 23.02
CA GLU A 195 20.46 -27.89 22.75
C GLU A 195 21.90 -27.39 22.96
N GLY A 196 22.12 -26.09 23.27
CA GLY A 196 23.47 -25.50 23.41
C GLY A 196 24.01 -24.95 22.09
N HIS A 197 23.25 -25.05 21.01
CA HIS A 197 23.66 -24.56 19.67
C HIS A 197 23.61 -23.02 19.71
N ILE A 198 24.73 -22.38 19.35
CA ILE A 198 24.91 -20.90 19.23
C ILE A 198 24.84 -20.47 17.75
N TYR A 199 24.16 -19.36 17.44
CA TYR A 199 23.88 -18.85 16.06
C TYR A 199 23.49 -17.36 16.15
N GLU A 200 23.55 -16.66 15.03
CA GLU A 200 23.40 -15.19 15.00
C GLU A 200 22.10 -14.88 14.28
N LYS A 201 21.39 -13.84 14.71
CA LYS A 201 20.11 -13.39 14.14
C LYS A 201 20.13 -11.89 13.92
N SER A 202 19.59 -11.45 12.79
CA SER A 202 19.15 -10.06 12.64
C SER A 202 17.99 -9.79 13.63
N ASP A 203 17.85 -8.52 14.02
CA ASP A 203 16.76 -8.01 14.91
C ASP A 203 15.43 -8.04 14.17
N PRO A 204 14.49 -8.91 14.57
CA PRO A 204 13.18 -8.97 13.93
C PRO A 204 12.49 -7.60 13.87
N TYR A 205 12.61 -6.78 14.93
CA TYR A 205 12.03 -5.42 15.05
C TYR A 205 13.04 -4.35 14.63
N GLY A 206 14.14 -4.76 13.97
CA GLY A 206 15.20 -3.82 13.52
C GLY A 206 14.64 -2.78 12.53
N PHE A 207 15.12 -1.54 12.63
CA PHE A 207 14.60 -0.38 11.86
C PHE A 207 15.48 -0.06 10.66
N TYR A 208 16.65 -0.71 10.53
CA TYR A 208 17.58 -0.49 9.40
C TYR A 208 18.55 -1.69 9.41
N ARG A 209 19.16 -1.96 8.27
CA ARG A 209 20.00 -3.18 8.09
C ARG A 209 21.14 -2.84 7.13
N GLU A 210 22.21 -3.62 7.22
CA GLU A 210 23.33 -3.52 6.24
C GLU A 210 22.75 -3.90 4.87
N VAL A 211 23.48 -3.58 3.82
CA VAL A 211 23.07 -3.87 2.42
C VAL A 211 23.24 -5.35 2.12
N ARG A 212 22.22 -6.02 1.60
CA ARG A 212 22.32 -7.45 1.18
C ARG A 212 23.63 -7.60 0.42
N PRO A 213 24.39 -8.70 0.58
CA PRO A 213 24.01 -9.85 1.41
C PRO A 213 24.47 -9.86 2.89
N ASN A 214 24.98 -8.73 3.37
CA ASN A 214 25.18 -8.54 4.83
C ASN A 214 23.82 -8.37 5.52
N THR A 215 23.77 -8.77 6.80
CA THR A 215 22.51 -8.94 7.55
C THR A 215 22.50 -8.23 8.91
N ALA A 216 23.52 -7.48 9.31
CA ALA A 216 23.54 -6.88 10.67
C ALA A 216 22.46 -5.79 10.77
N SER A 217 21.75 -5.74 11.89
CA SER A 217 20.76 -4.66 12.16
C SER A 217 21.54 -3.40 12.50
N ILE A 218 20.92 -2.24 12.34
CA ILE A 218 21.52 -0.91 12.64
C ILE A 218 20.49 -0.14 13.47
N VAL A 219 21.00 0.54 14.49
CA VAL A 219 20.18 1.31 15.47
C VAL A 219 19.76 2.61 14.80
N VAL A 220 18.48 2.94 14.86
CA VAL A 220 17.96 4.19 14.22
C VAL A 220 17.28 5.05 15.28
N ASP A 221 17.56 6.34 15.36
CA ASP A 221 16.77 7.28 16.21
C ASP A 221 15.51 7.66 15.41
N ILE A 222 14.57 6.75 15.28
CA ILE A 222 13.54 6.80 14.20
C ILE A 222 12.66 8.05 14.33
N ASP A 223 12.50 8.62 15.52
CA ASP A 223 11.63 9.80 15.70
C ASP A 223 12.42 11.11 15.58
N ASN A 224 13.75 11.09 15.41
CA ASN A 224 14.60 12.32 15.39
C ASN A 224 15.50 12.40 14.14
N ILE A 225 15.05 11.92 12.97
CA ILE A 225 15.87 11.89 11.71
C ILE A 225 15.19 12.67 10.59
N TYR A 226 13.88 12.94 10.66
CA TYR A 226 13.16 13.55 9.53
C TYR A 226 12.07 14.50 10.03
N GLN A 227 11.95 15.65 9.38
CA GLN A 227 10.90 16.67 9.61
C GLN A 227 9.87 16.50 8.47
N TRP A 228 8.64 16.10 8.78
CA TRP A 228 7.51 15.94 7.81
C TRP A 228 6.89 17.31 7.46
N HIS A 229 6.22 17.38 6.31
CA HIS A 229 5.55 18.60 5.80
C HIS A 229 4.16 18.26 5.26
N ASP A 230 3.60 17.10 5.61
CA ASP A 230 2.43 16.51 4.93
C ASP A 230 1.15 16.55 5.81
N GLU A 231 1.06 17.46 6.78
CA GLU A 231 -0.13 17.62 7.67
C GLU A 231 -1.38 17.84 6.81
N GLU A 232 -1.28 18.64 5.76
CA GLU A 232 -2.46 18.95 4.93
C GLU A 232 -2.92 17.70 4.17
N TRP A 233 -2.00 16.94 3.60
CA TRP A 233 -2.27 15.67 2.87
C TRP A 233 -2.99 14.69 3.80
N LEU A 234 -2.46 14.51 5.00
CA LEU A 234 -3.00 13.55 6.01
C LEU A 234 -4.37 14.02 6.48
N GLU A 235 -4.56 15.31 6.64
CA GLU A 235 -5.90 15.83 7.03
C GLU A 235 -6.92 15.49 5.94
N LYS A 236 -6.56 15.81 4.69
CA LYS A 236 -7.40 15.56 3.48
C LYS A 236 -7.76 14.08 3.38
N ARG A 237 -6.78 13.18 3.49
CA ARG A 237 -6.99 11.72 3.44
C ARG A 237 -7.94 11.27 4.54
N ARG A 238 -7.68 11.67 5.78
CA ARG A 238 -8.49 11.27 6.94
C ARG A 238 -9.97 11.65 6.71
N ASN A 239 -10.22 12.76 6.01
CA ASN A 239 -11.56 13.40 5.91
C ASN A 239 -12.20 13.06 4.56
N SER A 240 -11.61 12.16 3.76
CA SER A 240 -12.12 11.78 2.42
C SER A 240 -12.41 10.28 2.38
N ASP A 241 -13.27 9.89 1.45
CA ASP A 241 -13.54 8.48 1.07
C ASP A 241 -12.80 8.21 -0.23
N PRO A 242 -11.70 7.43 -0.21
CA PRO A 242 -10.90 7.23 -1.42
C PRO A 242 -11.74 6.43 -2.43
N LEU A 243 -12.79 5.73 -2.00
CA LEU A 243 -13.64 4.94 -2.93
C LEU A 243 -14.40 5.88 -3.87
N LYS A 244 -14.60 7.13 -3.48
CA LYS A 244 -15.43 8.11 -4.25
C LYS A 244 -14.48 9.03 -5.03
N GLN A 245 -13.21 8.67 -5.15
CA GLN A 245 -12.35 9.58 -5.93
C GLN A 245 -11.48 8.83 -6.91
N PRO A 246 -10.83 9.54 -7.84
CA PRO A 246 -10.02 8.88 -8.83
C PRO A 246 -8.82 8.22 -8.13
N VAL A 247 -8.60 6.94 -8.43
CA VAL A 247 -7.39 6.19 -8.02
C VAL A 247 -6.79 5.56 -9.27
N SER A 248 -5.77 6.18 -9.86
CA SER A 248 -4.92 5.56 -10.90
C SER A 248 -3.52 5.34 -10.31
N VAL A 249 -3.16 4.09 -10.20
CA VAL A 249 -1.93 3.63 -9.52
C VAL A 249 -0.91 3.29 -10.60
N TYR A 250 0.27 3.85 -10.44
CA TYR A 250 1.50 3.46 -11.17
C TYR A 250 2.27 2.49 -10.27
N GLU A 251 2.31 1.22 -10.65
CA GLU A 251 2.97 0.14 -9.86
C GLU A 251 4.45 0.18 -10.25
N VAL A 252 5.33 0.16 -9.26
CA VAL A 252 6.79 0.33 -9.48
C VAL A 252 7.56 -0.67 -8.63
N HIS A 253 8.59 -1.28 -9.23
CA HIS A 253 9.65 -2.01 -8.51
C HIS A 253 10.84 -1.06 -8.42
N LEU A 254 11.16 -0.56 -7.22
CA LEU A 254 12.14 0.53 -7.01
C LEU A 254 13.53 0.13 -7.53
N GLY A 255 13.88 -1.15 -7.46
CA GLY A 255 15.22 -1.64 -7.83
C GLY A 255 15.41 -1.77 -9.34
N SER A 256 14.37 -1.59 -10.16
CA SER A 256 14.43 -1.88 -11.61
C SER A 256 13.69 -0.84 -12.46
N TRP A 257 13.32 0.32 -11.89
CA TRP A 257 12.70 1.44 -12.66
C TRP A 257 13.80 2.15 -13.47
N LEU A 258 14.78 2.69 -12.74
CA LEU A 258 15.95 3.41 -13.30
C LEU A 258 17.17 3.10 -12.46
N HIS A 259 18.28 2.79 -13.12
CA HIS A 259 19.61 2.58 -12.49
C HIS A 259 20.50 3.79 -12.74
N GLY A 260 21.52 3.94 -11.92
CA GLY A 260 22.59 4.94 -12.10
C GLY A 260 23.93 4.29 -12.37
N SER A 261 24.97 5.11 -12.45
CA SER A 261 26.35 4.62 -12.63
C SER A 261 26.92 4.20 -11.26
N SER A 262 27.46 2.98 -11.17
CA SER A 262 28.18 2.49 -9.96
C SER A 262 29.57 3.15 -9.82
N ALA A 263 29.92 4.12 -10.67
CA ALA A 263 31.24 4.80 -10.64
C ALA A 263 31.17 6.08 -9.78
N GLU A 264 30.01 6.38 -9.24
CA GLU A 264 29.84 7.52 -8.31
C GLU A 264 29.19 6.99 -7.03
N LYS A 265 29.21 7.82 -6.01
CA LYS A 265 28.51 7.55 -4.75
C LYS A 265 27.01 7.70 -5.00
N MET A 266 26.20 7.00 -4.23
CA MET A 266 24.72 7.19 -4.11
C MET A 266 24.44 8.42 -3.26
N PRO A 267 23.89 9.50 -3.84
CA PRO A 267 23.50 10.65 -3.05
C PRO A 267 22.30 10.27 -2.14
N LEU A 268 22.36 10.66 -0.87
CA LEU A 268 21.23 10.59 0.09
C LEU A 268 20.80 12.01 0.43
N LEU A 269 19.80 12.13 1.29
CA LEU A 269 19.32 13.46 1.74
C LEU A 269 20.43 14.03 2.64
N ASN A 270 20.98 15.21 2.31
CA ASN A 270 22.09 15.79 3.15
C ASN A 270 23.12 14.69 3.51
N GLY A 271 23.66 13.98 2.52
CA GLY A 271 24.68 12.92 2.71
C GLY A 271 24.95 12.10 1.44
N GLU A 272 25.78 11.05 1.56
CA GLU A 272 26.10 10.11 0.46
C GLU A 272 26.54 8.76 1.04
N ALA A 273 26.43 7.70 0.26
CA ALA A 273 26.82 6.33 0.64
C ALA A 273 27.53 5.67 -0.56
N ASP A 274 28.31 4.63 -0.28
CA ASP A 274 28.88 3.72 -1.30
C ASP A 274 27.74 3.28 -2.20
N PRO A 275 28.03 3.14 -3.51
CA PRO A 275 27.04 2.67 -4.46
C PRO A 275 26.65 1.22 -4.16
N VAL A 276 25.39 0.88 -4.41
CA VAL A 276 24.94 -0.52 -4.33
C VAL A 276 24.81 -1.05 -5.76
N ILE A 277 25.75 -1.93 -6.11
CA ILE A 277 25.90 -2.59 -7.43
C ILE A 277 24.65 -3.44 -7.59
N VAL A 278 23.98 -3.34 -8.73
CA VAL A 278 22.68 -4.04 -8.93
C VAL A 278 22.93 -5.55 -9.01
N SER A 279 24.11 -5.97 -9.48
CA SER A 279 24.52 -7.39 -9.63
C SER A 279 25.98 -7.52 -10.10
N GLU A 280 26.55 -8.71 -9.88
CA GLU A 280 27.91 -9.07 -10.37
C GLU A 280 27.87 -9.12 -11.91
N TRP A 281 26.74 -9.47 -12.53
CA TRP A 281 26.53 -9.53 -14.01
C TRP A 281 26.59 -8.13 -14.63
N ASN A 282 26.10 -7.07 -13.94
CA ASN A 282 25.88 -5.71 -14.50
C ASN A 282 26.59 -4.71 -13.58
N PRO A 283 27.90 -4.85 -13.36
CA PRO A 283 28.59 -4.16 -12.26
C PRO A 283 28.73 -2.65 -12.47
N GLY A 284 28.53 -2.19 -13.70
CA GLY A 284 28.60 -0.75 -13.95
C GLY A 284 27.34 -0.04 -13.49
N ALA A 285 26.31 -0.79 -13.10
CA ALA A 285 24.98 -0.25 -12.72
C ALA A 285 24.84 -0.24 -11.18
N ARG A 286 24.29 0.84 -10.61
CA ARG A 286 23.87 0.89 -9.20
C ARG A 286 22.39 1.23 -9.10
N PHE A 287 21.78 0.93 -7.96
CA PHE A 287 20.42 1.40 -7.62
C PHE A 287 20.45 2.90 -7.36
N LEU A 288 19.33 3.57 -7.65
CA LEU A 288 19.02 4.92 -7.15
C LEU A 288 18.58 4.85 -5.68
N SER A 289 18.93 5.87 -4.90
CA SER A 289 18.47 6.01 -3.50
C SER A 289 17.01 6.42 -3.52
N TYR A 290 16.39 6.29 -2.36
CA TYR A 290 15.02 6.80 -2.12
C TYR A 290 15.00 8.30 -2.47
N TYR A 291 16.12 8.95 -2.21
CA TYR A 291 16.29 10.41 -2.37
C TYR A 291 16.32 10.72 -3.87
N GLU A 292 17.14 10.03 -4.65
CA GLU A 292 17.19 10.23 -6.11
C GLU A 292 15.81 9.88 -6.68
N LEU A 293 15.18 8.83 -6.16
CA LEU A 293 13.86 8.44 -6.68
C LEU A 293 12.83 9.53 -6.40
N ALA A 294 12.94 10.21 -5.26
CA ALA A 294 12.04 11.35 -4.93
C ALA A 294 12.22 12.48 -5.94
N GLU A 295 13.45 12.67 -6.43
CA GLU A 295 13.80 13.79 -7.36
C GLU A 295 13.40 13.39 -8.80
N LYS A 296 13.35 12.10 -9.13
CA LYS A 296 13.16 11.63 -10.53
C LYS A 296 11.80 10.93 -10.69
N LEU A 297 11.47 9.94 -9.85
CA LEU A 297 10.21 9.15 -10.00
C LEU A 297 8.98 10.05 -9.77
N ILE A 298 8.96 10.84 -8.72
CA ILE A 298 7.79 11.66 -8.32
C ILE A 298 7.42 12.68 -9.41
N PRO A 299 8.30 13.57 -9.93
CA PRO A 299 7.87 14.46 -11.02
C PRO A 299 7.43 13.69 -12.28
N TYR A 300 8.05 12.54 -12.56
CA TYR A 300 7.65 11.71 -13.72
C TYR A 300 6.20 11.29 -13.51
N VAL A 301 5.87 10.79 -12.33
CA VAL A 301 4.51 10.28 -12.04
C VAL A 301 3.51 11.44 -12.07
N LYS A 302 3.87 12.57 -11.45
CA LYS A 302 3.07 13.82 -11.42
C LYS A 302 2.71 14.27 -12.85
N ASP A 303 3.70 14.27 -13.76
CA ASP A 303 3.50 14.64 -15.18
C ASP A 303 2.60 13.61 -15.85
N MET A 304 2.79 12.32 -15.61
CA MET A 304 1.88 11.28 -16.17
C MET A 304 0.43 11.49 -15.68
N GLY A 305 0.25 12.11 -14.51
CA GLY A 305 -1.08 12.33 -13.91
C GLY A 305 -1.67 11.16 -13.11
N TYR A 306 -0.88 10.21 -12.59
CA TYR A 306 -1.38 9.13 -11.68
C TYR A 306 -1.59 9.72 -10.29
N THR A 307 -2.53 9.15 -9.53
CA THR A 307 -2.90 9.63 -8.16
C THR A 307 -2.02 8.98 -7.10
N HIS A 308 -1.50 7.78 -7.40
CA HIS A 308 -0.85 6.89 -6.41
C HIS A 308 0.33 6.19 -7.07
N ILE A 309 1.34 5.91 -6.26
CA ILE A 309 2.44 4.97 -6.58
C ILE A 309 2.29 3.78 -5.66
N GLU A 310 2.27 2.58 -6.24
CA GLU A 310 2.26 1.30 -5.52
C GLU A 310 3.64 0.66 -5.64
N LEU A 311 4.30 0.42 -4.51
CA LEU A 311 5.67 -0.13 -4.46
C LEU A 311 5.58 -1.64 -4.27
N LEU A 312 6.31 -2.38 -5.08
CA LEU A 312 6.59 -3.79 -4.74
C LEU A 312 7.34 -3.76 -3.41
N PRO A 313 7.28 -4.86 -2.65
CA PRO A 313 7.65 -4.84 -1.24
C PRO A 313 9.00 -4.16 -0.95
N ILE A 314 9.03 -3.15 -0.10
CA ILE A 314 10.33 -2.48 0.23
C ILE A 314 10.83 -2.94 1.60
N ALA A 315 10.10 -3.81 2.30
CA ALA A 315 10.65 -4.39 3.54
C ALA A 315 11.94 -5.12 3.20
N GLU A 316 12.92 -5.09 4.11
CA GLU A 316 14.26 -5.67 3.87
C GLU A 316 14.11 -7.14 3.45
N HIS A 317 14.82 -7.52 2.38
CA HIS A 317 14.73 -8.84 1.72
C HIS A 317 16.10 -9.15 1.14
N PRO A 318 16.58 -10.40 1.34
CA PRO A 318 17.94 -10.76 0.94
C PRO A 318 18.19 -10.92 -0.57
N PHE A 319 17.19 -11.24 -1.39
CA PHE A 319 17.42 -11.66 -2.78
C PHE A 319 16.58 -10.79 -3.73
N ASP A 320 17.28 -10.07 -4.61
CA ASP A 320 16.69 -9.20 -5.66
C ASP A 320 15.59 -9.97 -6.41
N GLY A 321 15.86 -11.21 -6.80
CA GLY A 321 14.98 -12.03 -7.66
C GLY A 321 13.71 -12.48 -6.98
N SER A 322 13.54 -12.31 -5.67
CA SER A 322 12.23 -12.51 -5.00
C SER A 322 11.29 -11.35 -5.35
N TRP A 323 11.81 -10.25 -5.90
CA TRP A 323 11.09 -9.00 -6.20
C TRP A 323 10.70 -8.27 -4.91
N GLY A 324 11.02 -8.84 -3.75
CA GLY A 324 10.63 -8.31 -2.42
C GLY A 324 9.65 -9.22 -1.71
N TYR A 325 9.06 -10.21 -2.37
CA TYR A 325 7.98 -11.03 -1.77
C TYR A 325 8.53 -12.02 -0.71
N GLN A 326 9.84 -12.11 -0.51
CA GLN A 326 10.42 -12.97 0.53
C GLN A 326 11.23 -12.11 1.48
N VAL A 327 10.58 -11.74 2.57
CA VAL A 327 11.03 -10.66 3.49
C VAL A 327 11.71 -11.30 4.69
N THR A 328 12.85 -10.75 5.13
CA THR A 328 13.47 -11.14 6.42
C THR A 328 13.57 -9.97 7.41
N GLY A 329 13.26 -8.74 7.02
CA GLY A 329 13.34 -7.55 7.88
C GLY A 329 12.07 -6.72 7.74
N PHE A 330 11.01 -7.14 8.42
CA PHE A 330 9.65 -6.60 8.22
C PHE A 330 9.56 -5.14 8.66
N TYR A 331 10.45 -4.69 9.54
CA TYR A 331 10.37 -3.36 10.19
C TYR A 331 11.43 -2.37 9.65
N SER A 332 12.14 -2.68 8.55
CA SER A 332 13.07 -1.68 7.94
C SER A 332 12.83 -1.55 6.43
N PRO A 333 12.91 -0.34 5.88
CA PRO A 333 12.87 -0.18 4.42
C PRO A 333 14.22 -0.64 3.90
N THR A 334 14.25 -1.38 2.78
CA THR A 334 15.51 -2.02 2.29
C THR A 334 16.60 -0.94 2.15
N SER A 335 17.82 -1.30 2.55
CA SER A 335 19.03 -0.45 2.52
C SER A 335 19.60 -0.37 1.09
N ARG A 336 19.10 -1.19 0.17
CA ARG A 336 19.47 -1.06 -1.26
C ARG A 336 19.41 0.41 -1.68
N PHE A 337 18.45 1.20 -1.17
CA PHE A 337 18.13 2.55 -1.69
C PHE A 337 18.43 3.61 -0.64
N GLY A 338 19.23 3.29 0.38
CA GLY A 338 19.63 4.29 1.38
C GLY A 338 18.97 4.05 2.74
N ARG A 339 18.67 5.12 3.47
CA ARG A 339 18.33 5.08 4.91
C ARG A 339 16.85 5.31 5.12
N PRO A 340 16.32 4.95 6.31
CA PRO A 340 14.94 5.27 6.67
C PRO A 340 14.48 6.71 6.34
N GLU A 341 15.28 7.71 6.70
CA GLU A 341 14.93 9.14 6.48
C GLU A 341 14.83 9.43 4.99
N ASP A 342 15.59 8.72 4.16
CA ASP A 342 15.53 8.93 2.69
C ASP A 342 14.16 8.47 2.19
N PHE A 343 13.65 7.35 2.72
CA PHE A 343 12.32 6.86 2.34
C PHE A 343 11.26 7.80 2.91
N MET A 344 11.46 8.32 4.12
CA MET A 344 10.50 9.30 4.71
C MET A 344 10.41 10.51 3.77
N TYR A 345 11.57 10.98 3.33
CA TYR A 345 11.64 12.11 2.37
C TYR A 345 10.80 11.75 1.14
N PHE A 346 10.96 10.54 0.62
CA PHE A 346 10.23 10.08 -0.57
C PHE A 346 8.72 10.16 -0.31
N VAL A 347 8.22 9.67 0.82
CA VAL A 347 6.75 9.72 1.07
C VAL A 347 6.31 11.20 1.22
N ASP A 348 7.10 11.99 1.93
CA ASP A 348 6.82 13.42 2.16
C ASP A 348 6.69 14.13 0.82
N LYS A 349 7.64 13.89 -0.08
CA LYS A 349 7.66 14.53 -1.40
C LYS A 349 6.47 14.04 -2.23
N CYS A 350 6.10 12.76 -2.17
CA CYS A 350 4.86 12.27 -2.84
C CYS A 350 3.68 13.11 -2.35
N HIS A 351 3.56 13.30 -1.04
CA HIS A 351 2.43 14.00 -0.40
C HIS A 351 2.44 15.49 -0.81
N GLU A 352 3.61 16.10 -0.95
CA GLU A 352 3.72 17.51 -1.38
C GLU A 352 3.18 17.66 -2.81
N ASN A 353 3.30 16.61 -3.64
CA ASN A 353 2.90 16.63 -5.06
C ASN A 353 1.51 16.00 -5.21
N GLY A 354 0.80 15.74 -4.13
CA GLY A 354 -0.59 15.25 -4.23
C GLY A 354 -0.67 13.80 -4.69
N ILE A 355 0.39 13.03 -4.43
CA ILE A 355 0.51 11.60 -4.80
C ILE A 355 0.54 10.73 -3.54
N GLY A 356 -0.28 9.68 -3.54
CA GLY A 356 -0.34 8.70 -2.45
C GLY A 356 0.63 7.54 -2.68
N VAL A 357 1.01 6.88 -1.60
CA VAL A 357 1.94 5.72 -1.64
C VAL A 357 1.25 4.49 -1.07
N ILE A 358 1.22 3.42 -1.86
CA ILE A 358 0.70 2.09 -1.44
C ILE A 358 1.88 1.13 -1.38
N LEU A 359 1.99 0.39 -0.29
CA LEU A 359 3.03 -0.65 -0.11
C LEU A 359 2.42 -2.01 -0.34
N ASP A 360 3.03 -2.81 -1.20
CA ASP A 360 2.91 -4.28 -1.16
C ASP A 360 3.45 -4.72 0.20
N TRP A 361 2.61 -5.40 0.96
CA TRP A 361 2.90 -5.89 2.33
C TRP A 361 2.79 -7.42 2.28
N VAL A 362 3.65 -8.14 3.00
CA VAL A 362 3.80 -9.61 2.82
C VAL A 362 3.68 -10.33 4.14
N PRO A 363 2.47 -10.44 4.69
CA PRO A 363 2.27 -11.11 5.96
C PRO A 363 2.02 -12.62 5.83
N GLY A 364 2.06 -13.16 4.61
CA GLY A 364 1.66 -14.55 4.30
C GLY A 364 2.75 -15.59 4.61
N HIS A 365 4.02 -15.22 4.51
CA HIS A 365 5.10 -16.22 4.60
C HIS A 365 6.43 -15.50 4.81
N PHE A 366 7.47 -16.24 5.12
CA PHE A 366 8.86 -15.75 5.19
C PHE A 366 9.79 -16.90 4.83
N PRO A 367 10.95 -16.59 4.24
CA PRO A 367 11.89 -17.61 3.81
C PRO A 367 12.72 -18.16 4.96
N LYS A 368 13.48 -19.23 4.71
CA LYS A 368 14.21 -20.03 5.73
C LYS A 368 15.58 -19.45 6.04
N ASP A 369 15.96 -18.32 5.44
CA ASP A 369 17.29 -17.72 5.67
C ASP A 369 17.58 -17.66 7.16
N SER A 370 18.74 -18.19 7.59
CA SER A 370 19.09 -18.38 9.02
C SER A 370 19.23 -17.04 9.76
N HIS A 371 19.50 -15.90 9.10
CA HIS A 371 19.56 -14.57 9.79
C HIS A 371 18.16 -14.07 10.22
N GLY A 372 17.09 -14.63 9.64
CA GLY A 372 15.72 -14.10 9.75
C GLY A 372 14.90 -14.78 10.84
N LEU A 373 13.61 -14.93 10.64
CA LEU A 373 12.68 -15.34 11.71
C LEU A 373 12.70 -16.87 11.93
N ALA A 374 13.18 -17.65 10.97
CA ALA A 374 13.08 -19.13 11.00
C ALA A 374 13.63 -19.70 12.33
N TYR A 375 12.86 -20.62 12.91
CA TYR A 375 13.26 -21.44 14.06
C TYR A 375 14.05 -20.53 15.03
N PHE A 376 13.42 -19.42 15.42
CA PHE A 376 14.15 -18.22 15.88
C PHE A 376 14.92 -18.46 17.18
N ASP A 377 14.26 -19.05 18.18
CA ASP A 377 14.85 -19.34 19.51
C ASP A 377 15.16 -20.84 19.68
N GLY A 378 15.33 -21.61 18.60
CA GLY A 378 15.47 -23.09 18.68
C GLY A 378 14.12 -23.77 18.78
N THR A 379 13.04 -23.08 18.44
CA THR A 379 11.69 -23.70 18.30
C THR A 379 11.02 -23.07 17.08
N HIS A 380 9.92 -23.67 16.65
CA HIS A 380 8.99 -23.09 15.67
C HIS A 380 8.30 -21.90 16.39
N LEU A 381 8.94 -20.74 16.42
CA LEU A 381 8.47 -19.56 17.19
C LEU A 381 7.49 -18.75 16.32
N TYR A 382 7.98 -18.17 15.21
CA TYR A 382 7.17 -17.39 14.26
C TYR A 382 6.37 -18.33 13.36
N GLU A 383 6.93 -19.46 12.94
CA GLU A 383 6.22 -20.41 12.03
C GLU A 383 5.53 -21.46 12.89
N HIS A 384 4.38 -21.98 12.45
CA HIS A 384 3.69 -23.12 13.10
C HIS A 384 4.58 -24.37 12.95
N ALA A 385 4.62 -25.22 13.97
CA ALA A 385 5.49 -26.42 14.04
C ALA A 385 5.04 -27.50 13.03
N ASP A 386 3.74 -27.63 12.82
CA ASP A 386 3.20 -28.65 11.88
C ASP A 386 3.39 -28.14 10.46
N PRO A 387 4.22 -28.79 9.62
CA PRO A 387 4.56 -28.29 8.29
C PRO A 387 3.37 -28.34 7.32
N ARG A 388 2.32 -29.05 7.71
CA ARG A 388 1.09 -29.14 6.90
C ARG A 388 0.35 -27.80 6.94
N ILE A 389 0.67 -26.93 7.90
CA ILE A 389 0.07 -25.57 7.98
C ILE A 389 1.18 -24.49 8.10
N GLY A 390 2.43 -24.90 8.35
CA GLY A 390 3.55 -24.00 8.70
C GLY A 390 4.63 -23.91 7.63
N GLU A 391 4.48 -24.60 6.50
CA GLU A 391 5.35 -24.44 5.30
C GLU A 391 4.53 -24.29 4.02
N HIS A 392 5.00 -23.47 3.09
CA HIS A 392 4.57 -23.57 1.67
C HIS A 392 5.64 -24.39 0.94
N LYS A 393 5.47 -25.71 0.88
CA LYS A 393 6.59 -26.63 0.46
C LYS A 393 7.00 -26.35 -0.99
N GLU A 394 6.03 -26.02 -1.84
CA GLU A 394 6.27 -25.65 -3.26
C GLU A 394 7.06 -24.37 -3.35
N TRP A 395 7.00 -23.49 -2.34
CA TRP A 395 7.72 -22.19 -2.45
C TRP A 395 9.03 -22.24 -1.70
N GLY A 396 9.22 -23.22 -0.80
CA GLY A 396 10.38 -23.34 0.08
C GLY A 396 10.32 -22.35 1.25
N THR A 397 9.12 -21.92 1.64
CA THR A 397 8.96 -20.87 2.68
C THR A 397 8.14 -21.38 3.87
N LEU A 398 8.10 -20.56 4.90
CA LEU A 398 7.43 -20.84 6.20
C LEU A 398 6.23 -19.93 6.33
N VAL A 399 5.16 -20.42 6.95
CA VAL A 399 3.88 -19.70 7.18
C VAL A 399 3.83 -19.34 8.66
N PHE A 400 3.66 -18.04 8.95
CA PHE A 400 3.41 -17.51 10.30
C PHE A 400 2.31 -18.31 11.02
N ASN A 401 2.55 -18.53 12.32
CA ASN A 401 1.53 -19.08 13.24
C ASN A 401 0.57 -17.94 13.66
N TYR A 402 -0.47 -17.69 12.88
CA TYR A 402 -1.36 -16.52 13.10
C TYR A 402 -2.12 -16.64 14.44
N GLY A 403 -2.32 -17.86 14.92
CA GLY A 403 -3.01 -18.14 16.20
C GLY A 403 -2.14 -17.81 17.40
N ARG A 404 -0.81 -17.67 17.22
CA ARG A 404 0.10 -17.37 18.35
C ARG A 404 0.17 -15.85 18.59
N HIS A 405 -0.19 -15.46 19.80
CA HIS A 405 -0.45 -14.04 20.15
C HIS A 405 0.74 -13.17 19.71
N GLU A 406 1.97 -13.54 20.02
CA GLU A 406 3.13 -12.65 19.80
C GLU A 406 3.46 -12.59 18.30
N VAL A 407 3.03 -13.59 17.53
CA VAL A 407 3.23 -13.61 16.06
C VAL A 407 2.19 -12.69 15.41
N ARG A 408 0.93 -12.89 15.76
CA ARG A 408 -0.19 -12.00 15.35
C ARG A 408 0.28 -10.57 15.65
N ASN A 409 0.83 -10.32 16.83
CA ASN A 409 1.16 -8.95 17.26
C ASN A 409 2.27 -8.41 16.37
N PHE A 410 3.30 -9.21 16.13
CA PHE A 410 4.42 -8.87 15.22
C PHE A 410 3.88 -8.30 13.90
N LEU A 411 2.94 -9.01 13.29
CA LEU A 411 2.38 -8.64 11.97
C LEU A 411 1.43 -7.44 12.09
N VAL A 412 0.54 -7.45 13.07
CA VAL A 412 -0.52 -6.41 13.22
C VAL A 412 0.16 -5.08 13.52
N ALA A 413 1.12 -5.08 14.40
CA ALA A 413 1.87 -3.86 14.73
C ALA A 413 2.73 -3.48 13.53
N ASN A 414 3.16 -4.45 12.73
CA ASN A 414 4.00 -4.15 11.55
C ASN A 414 3.18 -3.31 10.55
N VAL A 415 1.95 -3.70 10.27
CA VAL A 415 1.14 -2.94 9.28
C VAL A 415 0.90 -1.55 9.84
N LEU A 416 0.57 -1.43 11.11
CA LEU A 416 0.39 -0.09 11.74
C LEU A 416 1.70 0.75 11.66
N PHE A 417 2.84 0.10 11.82
CA PHE A 417 4.20 0.72 11.81
C PHE A 417 4.41 1.55 10.53
N TRP A 418 4.05 1.01 9.38
CA TRP A 418 4.31 1.72 8.10
C TRP A 418 3.41 2.96 8.00
N PHE A 419 2.19 2.90 8.50
CA PHE A 419 1.26 4.05 8.50
C PHE A 419 1.71 5.10 9.52
N ASP A 420 2.17 4.66 10.69
CA ASP A 420 2.66 5.53 11.79
C ASP A 420 3.96 6.22 11.38
N LYS A 421 5.05 5.47 11.24
CA LYS A 421 6.40 6.08 11.08
C LYS A 421 6.67 6.52 9.64
N TYR A 422 6.03 5.93 8.63
CA TYR A 422 6.34 6.24 7.21
C TYR A 422 5.16 6.92 6.48
N HIS A 423 3.99 7.12 7.13
CA HIS A 423 2.87 7.95 6.64
C HIS A 423 2.34 7.38 5.30
N VAL A 424 2.40 6.07 5.08
CA VAL A 424 1.91 5.51 3.79
C VAL A 424 0.37 5.55 3.77
N ASP A 425 -0.21 5.47 2.59
CA ASP A 425 -1.64 5.74 2.30
C ASP A 425 -2.37 4.43 2.00
N GLY A 426 -1.64 3.32 1.85
CA GLY A 426 -2.31 2.02 1.71
C GLY A 426 -1.36 0.84 1.67
N ILE A 427 -1.98 -0.33 1.67
CA ILE A 427 -1.29 -1.61 1.44
C ILE A 427 -2.05 -2.40 0.38
N ARG A 428 -1.33 -3.31 -0.25
CA ARG A 428 -1.83 -4.35 -1.18
C ARG A 428 -1.26 -5.64 -0.62
N VAL A 429 -2.10 -6.67 -0.47
CA VAL A 429 -1.64 -8.04 -0.12
C VAL A 429 -1.93 -8.95 -1.31
N ALA A 430 -0.86 -9.54 -1.84
CA ALA A 430 -0.89 -10.55 -2.91
C ALA A 430 -1.21 -11.92 -2.31
N ALA A 431 -1.95 -12.74 -3.07
CA ALA A 431 -2.05 -14.20 -2.86
C ALA A 431 -2.70 -14.46 -1.49
N VAL A 432 -3.76 -13.73 -1.21
CA VAL A 432 -4.48 -13.82 0.08
C VAL A 432 -4.98 -15.26 0.25
N ALA A 433 -5.27 -15.95 -0.86
CA ALA A 433 -5.66 -17.37 -0.90
C ALA A 433 -4.66 -18.20 -0.08
N SER A 434 -3.37 -17.89 -0.20
CA SER A 434 -2.26 -18.60 0.46
C SER A 434 -2.48 -18.62 1.97
N MET A 435 -3.12 -17.58 2.50
CA MET A 435 -3.37 -17.42 3.95
C MET A 435 -4.71 -18.08 4.31
N LEU A 436 -5.72 -17.92 3.46
CA LEU A 436 -7.15 -18.26 3.78
C LEU A 436 -7.36 -19.79 3.86
N TYR A 437 -6.54 -20.63 3.21
CA TYR A 437 -6.85 -22.06 2.96
C TYR A 437 -5.81 -22.99 3.59
N ARG A 438 -6.28 -24.02 4.30
CA ARG A 438 -5.42 -25.00 5.00
C ARG A 438 -4.83 -25.99 3.99
N ASN A 439 -5.48 -26.12 2.84
CA ASN A 439 -5.13 -27.06 1.74
C ASN A 439 -4.44 -26.33 0.60
N TYR A 440 -3.94 -25.10 0.80
CA TYR A 440 -3.33 -24.30 -0.29
C TYR A 440 -2.05 -24.97 -0.82
N LEU A 441 -2.05 -25.28 -2.12
CA LEU A 441 -0.95 -25.98 -2.84
C LEU A 441 -0.54 -27.24 -2.07
N ARG A 442 -1.51 -27.91 -1.44
CA ARG A 442 -1.32 -29.17 -0.68
C ARG A 442 -2.24 -30.22 -1.29
N LYS A 443 -1.67 -31.41 -1.49
CA LYS A 443 -2.32 -32.63 -2.08
C LYS A 443 -3.05 -33.40 -0.98
N GLU A 444 -4.01 -34.22 -1.37
CA GLU A 444 -4.82 -35.07 -0.45
C GLU A 444 -3.91 -35.87 0.49
N GLY A 445 -4.21 -35.85 1.78
CA GLY A 445 -3.46 -36.53 2.85
C GLY A 445 -2.27 -35.74 3.37
N GLU A 446 -2.02 -34.51 2.91
CA GLU A 446 -0.85 -33.72 3.38
C GLU A 446 -1.31 -32.36 3.95
N TRP A 447 -2.58 -32.29 4.35
CA TRP A 447 -3.20 -31.13 5.05
C TRP A 447 -4.31 -31.64 5.98
N ILE A 448 -4.59 -30.92 7.06
CA ILE A 448 -5.70 -31.29 7.98
C ILE A 448 -6.74 -30.18 7.99
N ALA A 449 -8.00 -30.55 8.11
CA ALA A 449 -9.13 -29.60 8.10
C ALA A 449 -9.16 -28.78 9.40
N ASN A 450 -9.97 -27.73 9.43
CA ASN A 450 -10.15 -26.91 10.65
C ASN A 450 -11.00 -27.71 11.65
N GLU A 451 -11.28 -27.14 12.82
CA GLU A 451 -12.02 -27.83 13.91
C GLU A 451 -13.45 -28.16 13.46
N TYR A 452 -13.99 -27.56 12.39
CA TYR A 452 -15.36 -27.79 11.85
C TYR A 452 -15.29 -28.71 10.62
N GLY A 453 -14.13 -29.30 10.34
CA GLY A 453 -13.94 -30.13 9.14
C GLY A 453 -13.94 -29.35 7.83
N GLY A 454 -13.72 -28.02 7.83
CA GLY A 454 -13.57 -27.21 6.59
C GLY A 454 -12.12 -26.97 6.20
N ASP A 455 -11.91 -26.41 5.00
CA ASP A 455 -10.55 -26.04 4.51
C ASP A 455 -10.15 -24.59 4.94
N GLU A 456 -11.02 -23.85 5.66
CA GLU A 456 -10.77 -22.43 5.99
C GLU A 456 -9.66 -22.34 7.06
N HIS A 457 -8.66 -21.51 6.83
CA HIS A 457 -7.60 -21.24 7.83
C HIS A 457 -8.16 -20.21 8.84
N ILE A 458 -8.80 -20.68 9.91
CA ILE A 458 -9.64 -19.84 10.83
C ILE A 458 -8.76 -18.73 11.42
N GLU A 459 -7.58 -19.10 11.89
CA GLU A 459 -6.61 -18.19 12.56
C GLU A 459 -6.17 -17.11 11.56
N ALA A 460 -6.01 -17.46 10.29
CA ALA A 460 -5.57 -16.49 9.25
C ALA A 460 -6.70 -15.51 8.95
N VAL A 461 -7.92 -16.02 8.82
CA VAL A 461 -9.11 -15.19 8.49
C VAL A 461 -9.26 -14.15 9.62
N SER A 462 -9.14 -14.64 10.84
CA SER A 462 -9.23 -13.85 12.08
C SER A 462 -8.13 -12.78 12.09
N PHE A 463 -6.91 -13.15 11.74
CA PHE A 463 -5.77 -12.20 11.66
C PHE A 463 -6.06 -11.10 10.63
N ILE A 464 -6.43 -11.49 9.41
CA ILE A 464 -6.73 -10.54 8.31
C ILE A 464 -7.83 -9.57 8.76
N ARG A 465 -8.84 -10.07 9.46
CA ARG A 465 -9.96 -9.20 9.87
C ARG A 465 -9.47 -8.19 10.91
N GLU A 466 -8.58 -8.59 11.81
CA GLU A 466 -8.02 -7.71 12.85
C GLU A 466 -7.16 -6.63 12.19
N VAL A 467 -6.34 -6.98 11.21
CA VAL A 467 -5.48 -6.02 10.46
C VAL A 467 -6.41 -4.93 9.89
N ASN A 468 -7.40 -5.33 9.14
CA ASN A 468 -8.24 -4.38 8.38
C ASN A 468 -9.07 -3.56 9.38
N THR A 469 -9.54 -4.15 10.47
CA THR A 469 -10.33 -3.44 11.49
C THR A 469 -9.46 -2.29 12.06
N LEU A 470 -8.28 -2.64 12.56
CA LEU A 470 -7.39 -1.70 13.26
C LEU A 470 -6.90 -0.63 12.27
N LEU A 471 -6.53 -1.02 11.07
CA LEU A 471 -5.97 -0.11 10.04
C LEU A 471 -6.96 1.04 9.79
N PHE A 472 -8.23 0.75 9.57
CA PHE A 472 -9.26 1.75 9.22
C PHE A 472 -9.66 2.57 10.47
N GLU A 473 -9.56 1.98 11.64
CA GLU A 473 -9.84 2.68 12.91
C GLU A 473 -8.75 3.73 13.14
N TYR A 474 -7.48 3.36 12.99
CA TYR A 474 -6.32 4.25 13.32
C TYR A 474 -6.05 5.26 12.19
N PHE A 475 -6.37 4.89 10.96
CA PHE A 475 -6.01 5.62 9.70
C PHE A 475 -7.17 5.53 8.74
N PRO A 476 -8.25 6.28 9.01
CA PRO A 476 -9.44 6.20 8.18
C PRO A 476 -9.01 6.76 6.82
N GLY A 477 -9.70 6.37 5.78
CA GLY A 477 -9.37 6.99 4.48
C GLY A 477 -8.14 6.36 3.79
N ILE A 478 -7.65 5.20 4.23
CA ILE A 478 -6.54 4.51 3.52
C ILE A 478 -7.09 3.51 2.50
N LEU A 479 -6.20 2.92 1.73
CA LEU A 479 -6.53 1.80 0.81
C LEU A 479 -5.95 0.51 1.41
N SER A 480 -6.81 -0.49 1.57
CA SER A 480 -6.41 -1.89 1.86
C SER A 480 -6.85 -2.75 0.68
N ILE A 481 -5.91 -3.15 -0.17
CA ILE A 481 -6.22 -3.83 -1.46
C ILE A 481 -5.80 -5.30 -1.38
N ALA A 482 -6.67 -6.24 -1.80
CA ALA A 482 -6.43 -7.70 -1.82
C ALA A 482 -6.38 -8.24 -3.25
N GLU A 483 -5.46 -9.14 -3.54
CA GLU A 483 -5.61 -10.08 -4.68
C GLU A 483 -5.90 -11.44 -4.08
N GLU A 484 -7.11 -11.91 -4.29
CA GLU A 484 -7.57 -13.25 -3.83
C GLU A 484 -8.11 -13.91 -5.09
N SER A 485 -7.60 -15.09 -5.42
CA SER A 485 -7.87 -15.71 -6.73
C SER A 485 -8.72 -16.97 -6.61
N THR A 486 -9.59 -17.14 -5.60
CA THR A 486 -10.46 -18.34 -5.46
C THR A 486 -11.97 -18.04 -5.27
N GLU A 487 -12.44 -16.80 -5.49
CA GLU A 487 -13.88 -16.47 -5.36
C GLU A 487 -14.33 -16.53 -3.90
N TRP A 488 -13.42 -16.41 -2.93
CA TRP A 488 -13.79 -16.09 -1.52
C TRP A 488 -14.70 -14.86 -1.49
N GLU A 489 -15.73 -14.90 -0.66
CA GLU A 489 -16.82 -13.91 -0.70
C GLU A 489 -16.49 -12.74 0.22
N LYS A 490 -16.92 -11.54 -0.18
CA LYS A 490 -16.91 -10.38 0.74
C LYS A 490 -15.46 -10.06 1.16
N VAL A 491 -14.54 -10.11 0.20
CA VAL A 491 -13.13 -9.74 0.43
C VAL A 491 -13.09 -8.25 0.78
N SER A 492 -13.78 -7.40 0.01
CA SER A 492 -13.77 -5.92 0.12
C SER A 492 -15.06 -5.43 0.76
N ARG A 493 -15.50 -6.14 1.78
CA ARG A 493 -16.71 -5.78 2.54
C ARG A 493 -16.28 -5.69 4.00
N PRO A 494 -17.03 -4.90 4.79
CA PRO A 494 -16.69 -4.71 6.21
C PRO A 494 -16.72 -6.01 7.02
N VAL A 495 -15.87 -6.06 8.03
CA VAL A 495 -15.83 -7.22 8.97
C VAL A 495 -17.21 -7.42 9.63
N TYR A 496 -17.94 -6.35 9.98
CA TYR A 496 -19.28 -6.50 10.64
C TYR A 496 -20.20 -7.30 9.71
N ASP A 497 -20.04 -7.27 8.38
CA ASP A 497 -20.95 -8.01 7.47
C ASP A 497 -20.34 -9.36 7.11
N GLY A 498 -19.36 -9.87 7.86
CA GLY A 498 -18.66 -11.12 7.49
C GLY A 498 -17.64 -10.94 6.36
N GLY A 499 -17.19 -9.73 6.05
CA GLY A 499 -16.11 -9.59 5.05
C GLY A 499 -14.72 -9.74 5.64
N LEU A 500 -13.69 -9.64 4.81
CA LEU A 500 -12.26 -9.65 5.24
C LEU A 500 -11.79 -8.23 5.59
N GLY A 501 -12.51 -7.19 5.17
CA GLY A 501 -12.26 -5.82 5.62
C GLY A 501 -11.41 -5.02 4.64
N PHE A 502 -11.02 -5.56 3.48
CA PHE A 502 -10.33 -4.76 2.44
C PHE A 502 -11.37 -3.76 1.92
N ASN A 503 -10.97 -2.64 1.31
CA ASN A 503 -11.92 -1.72 0.63
C ASN A 503 -11.75 -1.88 -0.88
N LEU A 504 -10.71 -2.54 -1.38
CA LEU A 504 -10.63 -2.91 -2.82
C LEU A 504 -10.09 -4.32 -3.01
N LYS A 505 -10.48 -4.96 -4.11
CA LYS A 505 -9.99 -6.30 -4.53
C LYS A 505 -9.55 -6.21 -5.98
N TRP A 506 -8.36 -6.72 -6.32
CA TRP A 506 -7.98 -6.84 -7.76
C TRP A 506 -9.02 -7.69 -8.50
N ASP A 507 -9.52 -7.22 -9.63
CA ASP A 507 -10.41 -8.02 -10.49
C ASP A 507 -9.54 -8.87 -11.44
N MET A 508 -9.15 -10.05 -11.00
CA MET A 508 -8.25 -10.93 -11.79
C MET A 508 -9.02 -11.51 -13.00
N GLY A 509 -10.30 -11.86 -12.83
CA GLY A 509 -11.16 -12.30 -13.94
C GLY A 509 -11.17 -11.28 -15.06
N TRP A 510 -11.36 -9.98 -14.72
CA TRP A 510 -11.38 -8.88 -15.71
C TRP A 510 -10.03 -8.88 -16.41
N MET A 511 -8.92 -9.02 -15.67
CA MET A 511 -7.57 -9.00 -16.28
C MET A 511 -7.42 -10.14 -17.29
N HIS A 512 -7.80 -11.34 -16.90
CA HIS A 512 -7.72 -12.55 -17.76
C HIS A 512 -8.65 -12.33 -18.97
N ASP A 513 -9.87 -11.85 -18.76
CA ASP A 513 -10.80 -11.62 -19.90
C ASP A 513 -10.19 -10.62 -20.87
N MET A 514 -9.58 -9.54 -20.39
CA MET A 514 -9.09 -8.44 -21.26
C MET A 514 -7.85 -8.89 -22.01
N LEU A 515 -6.89 -9.49 -21.33
CA LEU A 515 -5.64 -9.88 -22.04
C LEU A 515 -5.91 -11.07 -22.97
N ASP A 516 -6.79 -12.02 -22.61
CA ASP A 516 -7.18 -13.12 -23.55
C ASP A 516 -7.90 -12.47 -24.74
N TYR A 517 -8.83 -11.53 -24.52
CA TYR A 517 -9.59 -10.88 -25.62
C TYR A 517 -8.65 -10.14 -26.58
N PHE A 518 -7.84 -9.17 -26.12
CA PHE A 518 -6.99 -8.37 -27.04
C PHE A 518 -5.91 -9.25 -27.68
N ASN A 519 -5.61 -10.40 -27.09
CA ASN A 519 -4.63 -11.32 -27.72
C ASN A 519 -5.24 -12.01 -28.94
N ILE A 520 -6.56 -12.04 -29.05
CA ILE A 520 -7.25 -12.71 -30.18
C ILE A 520 -7.24 -11.79 -31.39
N ASP A 521 -6.86 -12.34 -32.52
CA ASP A 521 -7.03 -11.76 -33.87
C ASP A 521 -8.40 -11.07 -33.98
N PRO A 522 -8.45 -9.82 -34.46
CA PRO A 522 -9.69 -9.05 -34.44
C PRO A 522 -10.89 -9.74 -35.11
N TYR A 523 -10.68 -10.36 -36.27
CA TYR A 523 -11.75 -11.12 -36.97
C TYR A 523 -12.40 -12.10 -35.98
N PHE A 524 -11.66 -12.70 -35.03
CA PHE A 524 -12.19 -13.78 -34.16
C PHE A 524 -12.75 -13.27 -32.84
N ARG A 525 -12.66 -11.96 -32.56
CA ARG A 525 -13.22 -11.37 -31.32
C ARG A 525 -14.74 -11.56 -31.31
N GLN A 526 -15.38 -11.66 -32.46
CA GLN A 526 -16.85 -11.91 -32.55
C GLN A 526 -17.24 -13.19 -31.80
N TYR A 527 -16.36 -14.20 -31.70
CA TYR A 527 -16.66 -15.44 -30.92
C TYR A 527 -16.48 -15.20 -29.42
N HIS A 528 -16.02 -14.00 -29.03
CA HIS A 528 -15.51 -13.76 -27.65
C HIS A 528 -15.93 -12.38 -27.13
N GLN A 529 -17.06 -11.84 -27.63
CA GLN A 529 -17.73 -10.64 -27.06
C GLN A 529 -17.97 -10.82 -25.55
N ASN A 530 -18.20 -12.03 -25.07
CA ASN A 530 -18.46 -12.26 -23.62
C ASN A 530 -17.25 -11.81 -22.78
N ASN A 531 -16.02 -11.92 -23.31
CA ASN A 531 -14.78 -11.42 -22.63
C ASN A 531 -14.97 -9.95 -22.28
N VAL A 532 -15.64 -9.18 -23.14
CA VAL A 532 -15.77 -7.72 -22.95
C VAL A 532 -16.73 -7.41 -21.80
N THR A 533 -17.79 -8.20 -21.67
CA THR A 533 -19.01 -7.85 -20.91
C THR A 533 -19.19 -8.69 -19.65
N PHE A 534 -18.64 -9.89 -19.60
CA PHE A 534 -18.99 -10.88 -18.55
C PHE A 534 -18.73 -10.28 -17.16
N SER A 535 -17.66 -9.52 -16.96
CA SER A 535 -17.21 -9.16 -15.59
C SER A 535 -18.17 -8.16 -14.92
N MET A 536 -19.01 -7.45 -15.69
CA MET A 536 -20.09 -6.60 -15.09
C MET A 536 -21.15 -7.46 -14.42
N LEU A 537 -21.20 -8.76 -14.66
CA LEU A 537 -22.20 -9.64 -14.02
C LEU A 537 -21.91 -9.81 -12.52
N TYR A 538 -20.66 -9.97 -12.09
CA TYR A 538 -20.29 -10.13 -10.66
C TYR A 538 -19.74 -8.80 -10.09
N TYR A 539 -19.71 -7.72 -10.86
CA TYR A 539 -18.92 -6.50 -10.54
C TYR A 539 -19.32 -5.96 -9.15
N TYR A 540 -20.61 -5.95 -8.86
CA TYR A 540 -21.13 -5.24 -7.67
C TYR A 540 -20.95 -6.10 -6.41
N ASN A 541 -20.39 -7.30 -6.51
CA ASN A 541 -20.15 -8.16 -5.31
C ASN A 541 -18.95 -7.69 -4.48
N GLU A 542 -18.07 -6.89 -5.07
CA GLU A 542 -16.85 -6.34 -4.42
C GLU A 542 -16.64 -4.93 -4.96
N ASN A 543 -15.71 -4.20 -4.37
CA ASN A 543 -15.20 -2.94 -4.91
C ASN A 543 -13.96 -3.28 -5.73
N PHE A 544 -14.08 -3.32 -7.04
CA PHE A 544 -13.00 -3.86 -7.90
C PHE A 544 -11.95 -2.81 -8.20
N MET A 545 -10.69 -3.25 -8.13
CA MET A 545 -9.53 -2.58 -8.74
C MET A 545 -9.15 -3.33 -10.03
N LEU A 546 -9.17 -2.63 -11.17
CA LEU A 546 -8.75 -3.14 -12.49
C LEU A 546 -7.25 -2.98 -12.55
N ALA A 547 -6.56 -4.09 -12.33
CA ALA A 547 -5.08 -4.11 -12.28
C ALA A 547 -4.52 -4.95 -13.44
N LEU A 548 -3.62 -4.31 -14.22
CA LEU A 548 -2.69 -4.92 -15.20
C LEU A 548 -1.29 -4.76 -14.61
N SER A 549 -0.82 -5.79 -13.91
CA SER A 549 0.30 -5.70 -12.96
C SER A 549 1.61 -6.26 -13.53
N HIS A 550 2.67 -6.14 -12.74
CA HIS A 550 4.02 -6.72 -13.03
C HIS A 550 3.91 -8.19 -13.41
N ASP A 551 2.97 -8.93 -12.83
CA ASP A 551 2.91 -10.41 -12.99
C ASP A 551 2.52 -10.79 -14.42
N GLU A 552 2.03 -9.84 -15.22
CA GLU A 552 1.42 -10.13 -16.55
C GLU A 552 2.43 -9.80 -17.65
N ILE A 553 3.60 -9.25 -17.34
CA ILE A 553 4.62 -8.89 -18.37
C ILE A 553 5.99 -9.47 -17.97
N VAL A 554 5.98 -10.67 -17.40
CA VAL A 554 7.17 -11.52 -17.15
C VAL A 554 6.97 -12.91 -17.76
N HIS A 555 8.01 -13.75 -17.66
CA HIS A 555 7.96 -15.24 -17.70
C HIS A 555 7.28 -15.64 -19.01
N GLY A 556 7.70 -15.03 -20.13
CA GLY A 556 7.18 -15.36 -21.47
C GLY A 556 5.73 -14.97 -21.71
N LYS A 557 5.15 -14.01 -20.98
CA LYS A 557 3.80 -13.48 -21.34
C LYS A 557 3.89 -12.27 -22.29
N SER A 558 5.07 -11.70 -22.49
CA SER A 558 5.33 -10.48 -23.30
C SER A 558 4.86 -9.24 -22.54
N ASN A 559 5.46 -8.10 -22.89
CA ASN A 559 4.94 -6.76 -22.52
C ASN A 559 3.69 -6.48 -23.35
N MET A 560 2.98 -5.40 -23.06
CA MET A 560 1.62 -5.17 -23.59
C MET A 560 1.61 -5.15 -25.12
N LEU A 561 2.57 -4.50 -25.76
CA LEU A 561 2.54 -4.40 -27.24
C LEU A 561 2.66 -5.80 -27.83
N GLY A 562 3.48 -6.65 -27.19
CA GLY A 562 3.81 -8.00 -27.67
C GLY A 562 2.63 -8.93 -27.59
N LYS A 563 1.64 -8.63 -26.75
CA LYS A 563 0.43 -9.47 -26.60
C LYS A 563 -0.50 -9.23 -27.78
N MET A 564 -0.32 -8.14 -28.51
CA MET A 564 -1.35 -7.66 -29.47
C MET A 564 -1.08 -8.21 -30.86
N PRO A 565 -2.12 -8.59 -31.60
CA PRO A 565 -1.94 -9.02 -32.97
C PRO A 565 -1.87 -7.85 -33.96
N GLY A 566 -1.25 -8.12 -35.11
CA GLY A 566 -1.22 -7.21 -36.26
C GLY A 566 0.13 -6.58 -36.49
N ASP A 567 0.13 -5.57 -37.34
CA ASP A 567 1.32 -4.75 -37.65
C ASP A 567 1.56 -3.80 -36.46
N GLU A 568 2.67 -3.06 -36.54
CA GLU A 568 3.08 -2.13 -35.47
C GLU A 568 1.90 -1.18 -35.21
N TRP A 569 1.27 -0.64 -36.25
CA TRP A 569 0.21 0.38 -36.05
C TRP A 569 -0.90 -0.23 -35.18
N GLN A 570 -1.30 -1.46 -35.45
CA GLN A 570 -2.47 -2.13 -34.82
C GLN A 570 -2.12 -2.50 -33.37
N LYS A 571 -0.87 -2.87 -33.14
CA LYS A 571 -0.40 -3.29 -31.80
C LYS A 571 -0.58 -2.06 -30.89
N TYR A 572 -0.11 -0.89 -31.31
CA TYR A 572 -0.31 0.34 -30.51
C TYR A 572 -1.82 0.65 -30.35
N ALA A 573 -2.60 0.51 -31.41
CA ALA A 573 -4.04 0.84 -31.38
C ALA A 573 -4.70 -0.08 -30.36
N ASN A 574 -4.35 -1.37 -30.38
CA ASN A 574 -4.89 -2.36 -29.43
C ASN A 574 -4.63 -1.90 -27.97
N VAL A 575 -3.42 -1.45 -27.68
CA VAL A 575 -3.03 -0.96 -26.33
C VAL A 575 -3.92 0.24 -25.99
N ARG A 576 -4.04 1.21 -26.90
CA ARG A 576 -4.81 2.45 -26.59
C ARG A 576 -6.26 2.05 -26.31
N ALA A 577 -6.81 1.15 -27.12
CA ALA A 577 -8.22 0.73 -27.02
C ALA A 577 -8.41 0.01 -25.70
N LEU A 578 -7.50 -0.89 -25.34
CA LEU A 578 -7.63 -1.64 -24.05
C LEU A 578 -7.59 -0.63 -22.89
N PHE A 579 -6.61 0.26 -22.88
CA PHE A 579 -6.39 1.12 -21.70
C PHE A 579 -7.52 2.16 -21.62
N THR A 580 -8.01 2.68 -22.75
CA THR A 580 -9.17 3.61 -22.74
C THR A 580 -10.39 2.87 -22.19
N TYR A 581 -10.58 1.59 -22.55
CA TYR A 581 -11.71 0.76 -22.05
C TYR A 581 -11.54 0.58 -20.54
N MET A 582 -10.32 0.24 -20.11
CA MET A 582 -10.00 0.03 -18.67
C MET A 582 -10.32 1.32 -17.90
N TYR A 583 -9.88 2.47 -18.40
CA TYR A 583 -10.08 3.76 -17.69
C TYR A 583 -11.55 4.16 -17.72
N THR A 584 -12.38 3.67 -18.64
CA THR A 584 -13.82 4.05 -18.71
C THR A 584 -14.72 2.99 -18.05
N HIS A 585 -14.28 1.75 -17.99
CA HIS A 585 -14.96 0.66 -17.24
C HIS A 585 -15.01 1.01 -15.77
N PRO A 586 -16.09 0.68 -15.05
CA PRO A 586 -16.11 0.85 -13.60
C PRO A 586 -14.96 0.10 -12.90
N GLY A 587 -14.35 0.81 -11.95
CA GLY A 587 -13.29 0.34 -11.05
C GLY A 587 -12.15 1.35 -10.96
N LYS A 588 -11.35 1.23 -9.91
CA LYS A 588 -10.06 1.95 -9.83
C LYS A 588 -9.08 1.28 -10.80
N LYS A 589 -7.96 1.93 -11.02
CA LYS A 589 -6.98 1.60 -12.09
C LYS A 589 -5.62 1.32 -11.46
N THR A 590 -4.96 0.25 -11.89
CA THR A 590 -3.53 0.00 -11.58
C THR A 590 -2.86 -0.46 -12.86
N MET A 591 -1.76 0.16 -13.22
CA MET A 591 -0.86 -0.33 -14.29
C MET A 591 0.59 -0.21 -13.83
N PHE A 592 1.46 -1.04 -14.41
CA PHE A 592 2.88 -1.24 -14.00
C PHE A 592 3.81 -0.48 -14.95
N MET A 593 4.93 -0.06 -14.38
CA MET A 593 5.98 0.68 -15.10
C MET A 593 6.35 -0.06 -16.39
N SER A 594 6.55 0.72 -17.46
CA SER A 594 6.96 0.29 -18.80
C SER A 594 5.70 0.21 -19.67
N MET A 595 4.53 -0.03 -19.09
CA MET A 595 3.31 -0.17 -19.91
C MET A 595 2.94 1.19 -20.53
N GLU A 596 3.35 2.28 -19.89
CA GLU A 596 2.86 3.64 -20.25
C GLU A 596 3.65 4.20 -21.45
N PHE A 597 4.78 3.61 -21.86
CA PHE A 597 5.53 4.07 -23.06
C PHE A 597 5.83 2.92 -24.04
N GLY A 598 5.14 1.77 -23.92
CA GLY A 598 5.27 0.68 -24.89
C GLY A 598 6.66 0.06 -24.89
N GLN A 599 7.21 -0.29 -23.74
CA GLN A 599 8.36 -1.20 -23.69
C GLN A 599 8.02 -2.48 -24.46
N TRP A 600 8.85 -2.88 -25.41
CA TRP A 600 8.73 -4.18 -26.15
C TRP A 600 9.12 -5.36 -25.24
N SER A 601 10.25 -5.27 -24.55
CA SER A 601 10.74 -6.38 -23.70
C SER A 601 9.91 -6.52 -22.42
N GLU A 602 9.87 -7.75 -21.93
CA GLU A 602 9.34 -8.11 -20.60
C GLU A 602 10.13 -7.34 -19.55
N TRP A 603 9.43 -7.10 -18.45
CA TRP A 603 10.03 -6.57 -17.21
C TRP A 603 11.14 -7.52 -16.76
N ASN A 604 12.32 -6.96 -16.65
CA ASN A 604 13.56 -7.62 -16.15
C ASN A 604 14.01 -6.90 -14.87
N VAL A 605 13.86 -7.57 -13.73
CA VAL A 605 14.19 -7.05 -12.37
C VAL A 605 15.70 -6.85 -12.19
N TRP A 606 16.51 -7.47 -13.02
CA TRP A 606 18.00 -7.39 -12.93
C TRP A 606 18.52 -6.16 -13.70
N GLY A 607 17.67 -5.55 -14.51
CA GLY A 607 18.00 -4.31 -15.23
C GLY A 607 17.04 -3.19 -14.89
N ASP A 608 17.13 -2.06 -15.61
CA ASP A 608 16.14 -0.98 -15.55
C ASP A 608 15.33 -1.00 -16.83
N LEU A 609 14.30 -0.16 -16.88
CA LEU A 609 13.41 -0.11 -18.06
C LEU A 609 14.16 0.49 -19.24
N GLU A 610 13.61 0.29 -20.43
CA GLU A 610 14.24 0.66 -21.72
C GLU A 610 13.87 2.11 -22.04
N TRP A 611 14.42 3.05 -21.27
CA TRP A 611 14.16 4.51 -21.37
C TRP A 611 14.56 5.05 -22.75
N HIS A 612 15.53 4.42 -23.44
CA HIS A 612 15.99 4.87 -24.78
C HIS A 612 14.78 4.87 -25.75
N LEU A 613 13.73 4.06 -25.52
CA LEU A 613 12.58 3.99 -26.46
C LEU A 613 11.90 5.36 -26.56
N LEU A 614 11.99 6.18 -25.52
CA LEU A 614 11.26 7.47 -25.50
C LEU A 614 11.98 8.50 -26.37
N GLN A 615 13.09 8.14 -27.01
CA GLN A 615 13.72 8.89 -28.12
C GLN A 615 12.79 8.90 -29.35
N TYR A 616 11.88 7.94 -29.50
CA TYR A 616 11.17 7.67 -30.78
C TYR A 616 9.69 8.07 -30.64
N GLU A 617 9.14 8.61 -31.71
CA GLU A 617 7.76 9.14 -31.76
C GLU A 617 6.73 8.14 -31.21
N PRO A 618 6.66 6.87 -31.66
CA PRO A 618 5.57 5.98 -31.21
C PRO A 618 5.46 5.81 -29.68
N HIS A 619 6.61 5.65 -29.01
CA HIS A 619 6.71 5.55 -27.54
C HIS A 619 6.25 6.85 -26.91
N GLN A 620 6.71 7.97 -27.48
CA GLN A 620 6.35 9.33 -27.00
C GLN A 620 4.84 9.52 -27.12
N GLN A 621 4.24 9.12 -28.24
CA GLN A 621 2.81 9.37 -28.46
C GLN A 621 2.00 8.56 -27.46
N LEU A 622 2.44 7.33 -27.17
CA LEU A 622 1.70 6.44 -26.25
C LEU A 622 1.80 7.02 -24.84
N LYS A 623 2.94 7.59 -24.49
CA LYS A 623 3.11 8.22 -23.16
C LYS A 623 2.22 9.45 -23.04
N GLN A 624 2.05 10.20 -24.13
CA GLN A 624 1.16 11.39 -24.18
C GLN A 624 -0.29 10.92 -24.04
N PHE A 625 -0.64 9.80 -24.68
CA PHE A 625 -1.96 9.13 -24.54
C PHE A 625 -2.27 8.90 -23.04
N PHE A 626 -1.37 8.23 -22.32
CA PHE A 626 -1.58 7.93 -20.89
C PHE A 626 -1.66 9.22 -20.07
N THR A 627 -0.82 10.19 -20.38
CA THR A 627 -0.78 11.51 -19.71
C THR A 627 -2.17 12.16 -19.83
N ASP A 628 -2.73 12.16 -21.04
CA ASP A 628 -4.04 12.82 -21.30
C ASP A 628 -5.18 12.02 -20.68
N LEU A 629 -5.07 10.70 -20.66
CA LEU A 629 -6.13 9.80 -20.13
C LEU A 629 -6.19 9.94 -18.61
N ASN A 630 -5.03 9.96 -17.94
CA ASN A 630 -4.97 10.26 -16.48
C ASN A 630 -5.61 11.63 -16.19
N ALA A 631 -5.33 12.64 -17.02
CA ALA A 631 -5.88 14.01 -16.91
C ALA A 631 -7.41 13.96 -17.07
N LEU A 632 -7.90 13.33 -18.13
CA LEU A 632 -9.35 13.13 -18.32
C LEU A 632 -9.91 12.47 -17.08
N TYR A 633 -9.27 11.43 -16.57
CA TYR A 633 -9.81 10.61 -15.45
C TYR A 633 -9.99 11.49 -14.20
N GLN A 634 -9.08 12.41 -13.90
CA GLN A 634 -9.23 13.25 -12.68
C GLN A 634 -10.27 14.35 -12.89
N GLN A 635 -10.57 14.68 -14.15
CA GLN A 635 -11.33 15.89 -14.57
C GLN A 635 -12.82 15.53 -14.78
N GLU A 636 -13.18 14.24 -14.87
CA GLU A 636 -14.54 13.79 -15.26
C GLU A 636 -15.16 12.99 -14.13
N PRO A 637 -16.04 13.58 -13.30
CA PRO A 637 -16.55 12.89 -12.11
C PRO A 637 -17.18 11.52 -12.40
N ALA A 638 -17.82 11.38 -13.57
CA ALA A 638 -18.58 10.17 -13.98
C ALA A 638 -17.63 8.97 -14.11
N LEU A 639 -16.33 9.24 -14.32
CA LEU A 639 -15.31 8.18 -14.33
C LEU A 639 -14.89 7.77 -12.92
N TYR A 640 -15.37 8.37 -11.82
CA TYR A 640 -14.87 7.94 -10.47
C TYR A 640 -15.88 8.09 -9.31
N THR A 641 -16.93 8.93 -9.37
CA THR A 641 -17.82 9.18 -8.18
C THR A 641 -18.73 7.99 -7.90
N HIS A 642 -19.11 7.20 -8.90
CA HIS A 642 -20.11 6.12 -8.73
C HIS A 642 -19.62 4.79 -9.30
N ASP A 643 -18.32 4.49 -9.17
CA ASP A 643 -17.74 3.21 -9.62
C ASP A 643 -18.51 2.05 -9.01
N PHE A 644 -18.98 2.15 -7.76
CA PHE A 644 -19.53 1.01 -7.00
C PHE A 644 -21.05 1.13 -6.81
N GLU A 645 -21.71 2.02 -7.54
CA GLU A 645 -23.20 2.15 -7.50
C GLU A 645 -23.75 1.81 -8.89
N TYR A 646 -24.94 1.17 -8.96
CA TYR A 646 -25.62 0.84 -10.24
C TYR A 646 -25.75 2.09 -11.12
N HIS A 647 -26.05 3.23 -10.47
CA HIS A 647 -26.20 4.57 -11.11
C HIS A 647 -25.00 4.88 -12.03
N GLY A 648 -23.79 4.48 -11.62
CA GLY A 648 -22.54 4.88 -12.29
C GLY A 648 -22.38 4.24 -13.66
N PHE A 649 -23.05 3.13 -13.92
CA PHE A 649 -22.86 2.37 -15.19
C PHE A 649 -24.19 1.86 -15.74
N GLU A 650 -24.34 1.93 -17.07
CA GLU A 650 -25.38 1.22 -17.83
C GLU A 650 -24.89 0.99 -19.27
N TRP A 651 -24.98 -0.25 -19.74
CA TRP A 651 -24.79 -0.60 -21.18
C TRP A 651 -25.81 0.16 -22.01
N ILE A 652 -25.35 0.73 -23.10
CA ILE A 652 -26.27 1.23 -24.15
C ILE A 652 -26.59 0.03 -25.04
N ASP A 653 -25.60 -0.47 -25.80
CA ASP A 653 -25.73 -1.77 -26.51
C ASP A 653 -24.41 -2.55 -26.45
N CYS A 654 -24.48 -3.85 -26.18
CA CYS A 654 -23.28 -4.73 -26.20
C CYS A 654 -23.58 -6.07 -26.91
N ASN A 655 -24.49 -6.08 -27.91
CA ASN A 655 -24.93 -7.28 -28.70
C ASN A 655 -24.30 -7.35 -30.09
N ASP A 656 -23.62 -6.31 -30.57
CA ASP A 656 -22.99 -6.34 -31.91
C ASP A 656 -21.64 -7.09 -31.82
N ASN A 657 -21.65 -8.39 -31.51
CA ASN A 657 -20.43 -9.25 -31.45
C ASN A 657 -19.79 -9.27 -32.84
N THR A 658 -20.63 -9.20 -33.86
CA THR A 658 -20.26 -9.29 -35.30
C THR A 658 -19.23 -8.20 -35.61
N HIS A 659 -19.33 -7.02 -35.01
CA HIS A 659 -18.39 -5.90 -35.29
C HIS A 659 -17.49 -5.58 -34.08
N SER A 660 -17.60 -6.37 -33.02
CA SER A 660 -16.85 -6.20 -31.76
C SER A 660 -16.98 -4.74 -31.30
N VAL A 661 -18.21 -4.23 -31.24
CA VAL A 661 -18.54 -2.88 -30.73
C VAL A 661 -19.35 -3.01 -29.45
N VAL A 662 -19.03 -2.18 -28.46
CA VAL A 662 -19.87 -2.07 -27.25
C VAL A 662 -19.93 -0.58 -26.91
N SER A 663 -20.94 -0.19 -26.17
CA SER A 663 -21.14 1.21 -25.75
C SER A 663 -21.86 1.24 -24.40
N PHE A 664 -21.58 2.26 -23.61
CA PHE A 664 -22.13 2.36 -22.24
C PHE A 664 -22.12 3.82 -21.80
N LEU A 665 -22.92 4.08 -20.77
CA LEU A 665 -22.95 5.36 -20.03
C LEU A 665 -22.16 5.22 -18.73
N ARG A 666 -21.47 6.28 -18.34
CA ARG A 666 -21.02 6.50 -16.94
C ARG A 666 -21.74 7.75 -16.43
N ARG A 667 -22.21 7.70 -15.19
CA ARG A 667 -22.95 8.82 -14.57
C ARG A 667 -22.29 9.24 -13.26
N SER A 668 -22.68 10.42 -12.77
CA SER A 668 -22.24 11.06 -11.49
C SER A 668 -23.45 11.75 -10.85
N ASP A 669 -23.19 12.69 -9.93
CA ASP A 669 -24.26 13.38 -9.14
C ASP A 669 -25.04 14.27 -10.12
N ASP A 670 -24.33 15.01 -10.95
CA ASP A 670 -24.92 15.95 -11.93
C ASP A 670 -25.24 15.18 -13.23
N PRO A 671 -26.51 15.17 -13.70
CA PRO A 671 -26.85 14.55 -14.99
C PRO A 671 -26.04 15.07 -16.18
N ASN A 672 -25.45 16.25 -16.09
CA ASN A 672 -24.75 16.89 -17.23
C ASN A 672 -23.31 16.37 -17.33
N ASP A 673 -22.89 15.59 -16.33
CA ASP A 673 -21.56 14.96 -16.27
C ASP A 673 -21.57 13.56 -16.91
N SER A 674 -22.70 13.05 -17.37
CA SER A 674 -22.83 11.71 -17.99
C SER A 674 -21.95 11.62 -19.23
N LEU A 675 -21.38 10.43 -19.45
CA LEU A 675 -20.42 10.18 -20.56
C LEU A 675 -20.96 9.01 -21.35
N VAL A 676 -20.87 9.12 -22.67
CA VAL A 676 -21.17 8.03 -23.63
C VAL A 676 -19.82 7.47 -24.06
N VAL A 677 -19.62 6.19 -23.85
CA VAL A 677 -18.36 5.53 -24.25
C VAL A 677 -18.72 4.60 -25.39
N VAL A 678 -17.99 4.70 -26.51
CA VAL A 678 -18.19 3.76 -27.66
C VAL A 678 -16.84 3.12 -27.98
N CYS A 679 -16.82 1.79 -28.02
CA CYS A 679 -15.60 0.98 -28.21
C CYS A 679 -15.71 0.24 -29.54
N ASN A 680 -14.67 0.36 -30.37
CA ASN A 680 -14.56 -0.39 -31.64
C ASN A 680 -13.31 -1.27 -31.60
N PHE A 681 -13.47 -2.57 -31.37
CA PHE A 681 -12.34 -3.50 -31.11
C PHE A 681 -11.98 -4.28 -32.38
N THR A 682 -12.17 -3.70 -33.57
CA THR A 682 -11.55 -4.20 -34.83
C THR A 682 -10.99 -3.02 -35.59
N PRO A 683 -10.05 -3.27 -36.51
CA PRO A 683 -9.53 -2.24 -37.40
C PRO A 683 -10.50 -1.78 -38.49
N GLN A 684 -11.73 -2.29 -38.52
CA GLN A 684 -12.81 -1.84 -39.45
C GLN A 684 -13.33 -0.50 -38.93
N PRO A 685 -13.10 0.61 -39.66
CA PRO A 685 -13.71 1.90 -39.31
C PRO A 685 -15.18 1.79 -39.68
N HIS A 686 -16.06 2.57 -39.06
CA HIS A 686 -17.51 2.68 -39.39
C HIS A 686 -17.83 4.17 -39.69
N SER A 687 -18.32 4.46 -40.90
CA SER A 687 -18.71 5.81 -41.39
C SER A 687 -19.91 6.28 -40.58
N HIS A 688 -20.89 5.41 -40.37
CA HIS A 688 -22.24 5.76 -39.80
C HIS A 688 -22.62 4.61 -38.87
N TYR A 689 -22.49 4.82 -37.56
CA TYR A 689 -22.82 3.79 -36.53
C TYR A 689 -23.66 4.46 -35.46
N ARG A 690 -24.92 4.03 -35.34
CA ARG A 690 -25.90 4.75 -34.49
C ARG A 690 -25.77 4.18 -33.07
N ILE A 691 -25.73 5.10 -32.09
CA ILE A 691 -25.70 4.84 -30.63
C ILE A 691 -26.82 5.66 -29.99
N GLY A 692 -27.70 5.01 -29.25
CA GLY A 692 -28.71 5.70 -28.43
C GLY A 692 -28.10 6.47 -27.30
N VAL A 693 -28.49 7.72 -27.12
CA VAL A 693 -28.09 8.60 -25.99
C VAL A 693 -29.35 9.06 -25.24
N PRO A 694 -29.26 9.46 -23.94
CA PRO A 694 -30.45 9.69 -23.13
C PRO A 694 -31.17 11.05 -23.34
N GLU A 695 -30.55 12.00 -24.05
CA GLU A 695 -31.06 13.40 -24.20
C GLU A 695 -30.64 14.04 -25.53
N ALA A 696 -31.44 14.99 -26.01
CA ALA A 696 -31.13 15.82 -27.20
C ALA A 696 -29.91 16.68 -26.86
N GLY A 697 -29.23 17.20 -27.88
CA GLY A 697 -28.15 18.18 -27.72
C GLY A 697 -26.93 17.83 -28.56
N TYR A 698 -25.89 18.68 -28.49
CA TYR A 698 -24.55 18.41 -29.06
C TYR A 698 -23.73 17.59 -28.07
N TYR A 699 -23.21 16.45 -28.54
CA TYR A 699 -22.31 15.56 -27.76
C TYR A 699 -20.89 15.82 -28.26
N VAL A 700 -20.08 16.46 -27.42
CA VAL A 700 -18.63 16.73 -27.65
C VAL A 700 -17.90 15.39 -27.72
N GLU A 701 -16.97 15.29 -28.67
CA GLU A 701 -15.97 14.21 -28.70
C GLU A 701 -14.89 14.62 -27.70
N LEU A 702 -15.07 14.31 -26.43
CA LEU A 702 -14.17 14.68 -25.31
C LEU A 702 -12.84 13.94 -25.47
N PHE A 703 -12.87 12.68 -25.92
CA PHE A 703 -11.64 11.85 -26.05
C PHE A 703 -11.80 10.88 -27.21
N ASN A 704 -10.71 10.65 -27.92
CA ASN A 704 -10.66 9.77 -29.10
C ASN A 704 -9.28 9.13 -29.15
N SER A 705 -9.22 7.82 -28.89
CA SER A 705 -7.95 7.07 -28.77
C SER A 705 -7.27 6.99 -30.14
N ASP A 706 -7.97 7.35 -31.23
CA ASP A 706 -7.36 7.32 -32.60
C ASP A 706 -6.80 8.70 -32.98
N ALA A 707 -6.84 9.68 -32.09
CA ALA A 707 -6.23 11.00 -32.41
C ALA A 707 -4.79 10.83 -32.85
N LYS A 708 -4.33 11.71 -33.74
CA LYS A 708 -3.00 11.58 -34.40
C LYS A 708 -1.91 11.79 -33.36
N GLN A 709 -2.17 12.58 -32.32
CA GLN A 709 -1.14 12.86 -31.29
C GLN A 709 -0.92 11.61 -30.41
N TYR A 710 -1.77 10.59 -30.49
CA TYR A 710 -1.60 9.31 -29.78
C TYR A 710 -1.03 8.23 -30.69
N GLY A 711 -0.76 8.58 -31.96
CA GLY A 711 -0.25 7.63 -32.97
C GLY A 711 -1.36 7.04 -33.82
N GLY A 712 -2.58 7.57 -33.67
CA GLY A 712 -3.79 7.17 -34.41
C GLY A 712 -3.84 7.73 -35.83
N SER A 713 -4.86 7.27 -36.56
CA SER A 713 -5.21 7.63 -37.97
C SER A 713 -6.03 8.94 -38.01
N ASN A 714 -6.50 9.41 -36.86
CA ASN A 714 -7.15 10.73 -36.70
C ASN A 714 -8.57 10.70 -37.25
N MET A 715 -9.20 9.54 -37.38
CA MET A 715 -10.62 9.45 -37.76
C MET A 715 -11.45 9.84 -36.53
N GLY A 716 -12.61 10.43 -36.77
CA GLY A 716 -13.56 10.69 -35.68
C GLY A 716 -14.66 11.61 -36.13
N ASN A 717 -15.23 12.37 -35.18
CA ASN A 717 -16.50 13.12 -35.37
C ASN A 717 -16.20 14.62 -35.47
N LEU A 718 -14.98 15.01 -35.85
CA LEU A 718 -14.59 16.43 -36.02
C LEU A 718 -15.20 17.30 -34.91
N GLY A 719 -14.95 16.99 -33.64
CA GLY A 719 -15.31 17.88 -32.50
C GLY A 719 -16.54 17.40 -31.76
N GLY A 720 -17.43 16.64 -32.41
CA GLY A 720 -18.71 16.25 -31.78
C GLY A 720 -19.86 16.06 -32.76
N LYS A 721 -21.03 15.73 -32.25
CA LYS A 721 -22.21 15.36 -33.08
C LYS A 721 -23.50 15.75 -32.38
N TRP A 722 -24.40 16.32 -33.16
CA TRP A 722 -25.80 16.59 -32.77
C TRP A 722 -26.58 15.27 -32.70
N ALA A 723 -27.29 15.05 -31.59
CA ALA A 723 -28.25 13.95 -31.44
C ALA A 723 -29.43 14.21 -32.38
N ASP A 724 -29.76 13.24 -33.21
CA ASP A 724 -31.05 13.14 -33.95
C ASP A 724 -32.12 12.71 -32.95
N GLU A 725 -33.38 13.11 -33.20
CA GLU A 725 -34.56 12.61 -32.44
C GLU A 725 -35.01 11.32 -33.13
N TRP A 726 -34.39 10.20 -32.77
CA TRP A 726 -34.43 8.94 -33.54
C TRP A 726 -34.21 7.83 -32.53
N SER A 727 -35.30 7.33 -31.95
CA SER A 727 -35.32 6.18 -31.02
C SER A 727 -34.28 5.16 -31.51
N PHE A 728 -33.38 4.74 -30.62
CA PHE A 728 -32.37 3.67 -30.84
C PHE A 728 -31.91 3.13 -29.47
N HIS A 729 -31.62 1.83 -29.39
CA HIS A 729 -31.19 1.12 -28.14
C HIS A 729 -32.12 1.44 -26.95
N ASN A 730 -33.43 1.55 -27.17
CA ASN A 730 -34.46 1.93 -26.15
C ASN A 730 -34.16 3.31 -25.57
N LYS A 731 -33.71 4.26 -26.36
CA LYS A 731 -33.45 5.64 -25.88
C LYS A 731 -34.09 6.61 -26.86
N PRO A 732 -34.71 7.70 -26.37
CA PRO A 732 -35.40 8.67 -27.24
C PRO A 732 -34.57 9.27 -28.38
N TYR A 733 -33.30 9.62 -28.12
CA TYR A 733 -32.36 10.27 -29.08
C TYR A 733 -31.17 9.33 -29.40
N SER A 734 -30.38 9.67 -30.41
CA SER A 734 -29.27 8.83 -30.92
C SER A 734 -28.26 9.68 -31.67
N LEU A 735 -27.02 9.18 -31.73
CA LEU A 735 -25.87 9.83 -32.43
C LEU A 735 -25.56 8.94 -33.61
N ASP A 736 -25.24 9.55 -34.75
CA ASP A 736 -24.77 8.86 -35.97
C ASP A 736 -23.27 9.11 -36.04
N LEU A 737 -22.51 8.15 -35.50
CA LEU A 737 -21.08 8.35 -35.19
C LEU A 737 -20.21 7.76 -36.28
N CYS A 738 -19.08 8.40 -36.49
CA CYS A 738 -17.91 7.78 -37.11
C CYS A 738 -17.13 7.04 -36.00
N LEU A 739 -16.93 5.73 -36.13
CA LEU A 739 -16.08 4.94 -35.18
C LEU A 739 -14.72 4.73 -35.80
N PRO A 740 -13.65 5.27 -35.18
CA PRO A 740 -12.31 5.04 -35.67
C PRO A 740 -11.93 3.57 -35.51
N PRO A 741 -10.90 3.12 -36.25
CA PRO A 741 -10.39 1.75 -36.10
C PRO A 741 -9.65 1.51 -34.77
N LEU A 742 -9.98 0.38 -34.12
CA LEU A 742 -9.31 -0.14 -32.88
C LEU A 742 -9.15 1.02 -31.92
N ALA A 743 -10.29 1.52 -31.43
CA ALA A 743 -10.35 2.83 -30.77
C ALA A 743 -11.60 2.97 -29.90
N VAL A 744 -11.50 3.87 -28.94
CA VAL A 744 -12.59 4.20 -27.99
C VAL A 744 -12.80 5.71 -28.03
N LEU A 745 -14.07 6.07 -28.10
CA LEU A 745 -14.58 7.46 -28.03
C LEU A 745 -15.22 7.68 -26.67
N ILE A 746 -15.06 8.89 -26.15
CA ILE A 746 -15.85 9.40 -24.99
C ILE A 746 -16.52 10.70 -25.43
N LEU A 747 -17.85 10.74 -25.36
CA LEU A 747 -18.67 11.92 -25.74
C LEU A 747 -19.46 12.38 -24.52
N LYS A 748 -19.63 13.70 -24.45
CA LYS A 748 -20.28 14.36 -23.29
C LYS A 748 -21.21 15.44 -23.85
N LEU A 749 -22.49 15.39 -23.45
CA LEU A 749 -23.47 16.45 -23.79
C LEU A 749 -22.90 17.81 -23.35
N ASP A 750 -22.82 18.80 -24.25
CA ASP A 750 -22.55 20.22 -23.88
C ASP A 750 -23.86 21.01 -23.89
N PRO A 751 -24.57 21.13 -22.75
CA PRO A 751 -25.98 21.55 -22.76
C PRO A 751 -26.17 23.05 -23.05
N THR A 752 -25.07 23.78 -23.28
CA THR A 752 -25.04 25.24 -23.53
C THR A 752 -24.41 25.52 -24.89
N LYS A 753 -24.62 24.67 -25.88
CA LYS A 753 -24.03 24.85 -27.24
C LYS A 753 -25.11 25.50 -28.11
N VAL A 754 -24.69 26.24 -29.16
CA VAL A 754 -25.48 27.21 -29.98
C VAL A 754 -26.13 26.50 -31.18
N PRO A 755 -27.46 26.15 -31.19
CA PRO A 755 -28.12 25.64 -32.41
C PRO A 755 -28.75 26.76 -33.26
MG MG B . 19.39 -0.41 -18.63
MG MG C . 32.18 -15.45 19.65
C1 GOL D . -9.34 13.60 -33.60
O1 GOL D . -8.05 14.20 -33.57
C2 GOL D . -10.15 14.12 -34.77
O2 GOL D . -10.54 15.47 -34.49
C3 GOL D . -11.38 13.29 -35.11
O3 GOL D . -12.23 13.89 -36.06
C1 GOL E . 1.30 4.37 -33.03
O1 GOL E . 1.89 5.04 -31.91
C2 GOL E . 2.16 4.46 -34.28
O2 GOL E . 1.49 5.18 -35.32
C3 GOL E . 2.60 3.11 -34.78
O3 GOL E . 3.59 3.21 -35.78
C1 GOL F . 22.34 5.74 9.74
O1 GOL F . 23.04 5.16 10.83
C2 GOL F . 21.19 6.58 10.24
O2 GOL F . 21.01 7.70 9.38
C3 GOL F . 19.88 5.81 10.33
O3 GOL F . 18.77 6.69 10.19
C1 GOL G . 12.87 10.02 -15.50
O1 GOL G . 14.11 10.42 -14.91
C2 GOL G . 13.04 9.05 -16.66
O2 GOL G . 12.76 9.79 -17.85
C3 GOL G . 14.39 8.36 -16.72
O3 GOL G . 15.14 8.56 -17.92
C1 GOL H . -25.21 -0.52 -5.94
O1 GOL H . -26.01 0.62 -6.23
C2 GOL H . -25.45 -1.07 -4.54
O2 GOL H . -24.67 -0.32 -3.61
C3 GOL H . -25.15 -2.55 -4.40
O3 GOL H . -23.76 -2.83 -4.48
C1 GOL I . -6.26 -16.73 -33.84
O1 GOL I . -6.66 -15.73 -32.90
C2 GOL I . -7.23 -17.91 -33.93
O2 GOL I . -8.22 -17.84 -32.90
C3 GOL I . -7.94 -18.05 -35.28
O3 GOL I . -7.11 -18.40 -36.39
C1 GOL J . -3.71 -13.70 -19.71
O1 GOL J . -4.71 -14.25 -18.84
C2 GOL J . -2.32 -13.65 -19.08
O2 GOL J . -2.44 -13.81 -17.66
C3 GOL J . -1.53 -12.40 -19.39
O3 GOL J . -1.28 -12.17 -20.79
C1 GOL K . -0.19 -22.24 20.35
O1 GOL K . 0.73 -21.29 20.88
C2 GOL K . -0.04 -22.40 18.84
O2 GOL K . 0.81 -23.50 18.48
C3 GOL K . -1.37 -22.55 18.13
O3 GOL K . -1.96 -21.29 17.87
#